data_4ZZE
#
_entry.id   4ZZE
#
_cell.length_a   54.880
_cell.length_b   91.330
_cell.length_c   142.050
_cell.angle_alpha   90.000
_cell.angle_beta   90.000
_cell.angle_gamma   90.000
#
_symmetry.space_group_name_H-M   'P 21 21 21'
#
loop_
_entity.id
_entity.type
_entity.pdbx_description
1 polymer 'Sugar binding protein of ABC transporter system'
2 branched alpha-D-glucopyranose-(1-6)-alpha-D-glucopyranose-(1-4)-alpha-D-glucopyranose
3 non-polymer 'MAGNESIUM ION'
4 non-polymer 'CHLORIDE ION'
5 water water
#
_entity_poly.entity_id   1
_entity_poly.type   'polypeptide(L)'
_entity_poly.pdbx_seq_one_letter_code
;GSHMGSGQVTLDFFQFKAEAADWFKQAAQEFEKENPDIRININNSANAQTDLRTRFVKDRVPDVITFNGDYSFGTFAASG
VFHDFTDDPLVSELNEGMVNIAKNLVQTSDPAKKRLYGLPFAGNASGYIYNKDLFRKVGLDPDNPPQTWDEFIAMLKKFR
DAGINPVQATLADAWTTQAPLASLAGTLVPESEYAALKSGDTTFKQIWTEPIEKEIELFKYADSEKGVTYQQGTQNFAKG
TAAIIPLGTYAIPQITMVNKDIDLGFAQMPATNDASKQILTAGDDVILTMGANSRHKEQSMRFIRFLMSKKQLENYADAQ
SAITPLKETYFGNKALEPVRPFFESNRVADFCDHYIPSSINIGGYLQSAIMSGNVNQFIDSMQNEWNKVQARDFRK
;
_entity_poly.pdbx_strand_id   A,B
#
# COMPACT_ATOMS: atom_id res chain seq x y z
N GLN A 8 -24.83 -31.81 21.39
CA GLN A 8 -24.67 -31.25 22.73
C GLN A 8 -24.46 -29.73 22.68
N VAL A 9 -24.36 -29.17 21.46
CA VAL A 9 -24.46 -27.73 21.29
C VAL A 9 -25.37 -27.40 20.11
N THR A 10 -25.92 -26.19 20.12
CA THR A 10 -26.62 -25.64 18.97
C THR A 10 -25.88 -24.39 18.53
N LEU A 11 -25.43 -24.39 17.28
CA LEU A 11 -24.71 -23.25 16.73
C LEU A 11 -25.65 -22.26 16.06
N ASP A 12 -25.41 -20.97 16.29
CA ASP A 12 -26.06 -19.93 15.50
C ASP A 12 -25.22 -19.62 14.26
N PHE A 13 -25.81 -19.80 13.08
CA PHE A 13 -25.15 -19.58 11.80
C PHE A 13 -25.80 -18.37 11.10
N PHE A 14 -25.05 -17.27 11.02
CA PHE A 14 -25.50 -16.10 10.26
C PHE A 14 -24.98 -16.18 8.84
N GLN A 15 -25.91 -16.22 7.88
CA GLN A 15 -25.57 -16.47 6.48
C GLN A 15 -26.09 -15.33 5.60
N PHE A 16 -25.18 -14.50 5.11
CA PHE A 16 -25.55 -13.23 4.48
C PHE A 16 -26.18 -13.38 3.09
N LYS A 17 -25.82 -14.43 2.37
CA LYS A 17 -26.03 -14.47 0.93
C LYS A 17 -27.37 -15.07 0.53
N ALA A 18 -28.29 -14.23 0.07
CA ALA A 18 -29.62 -14.68 -0.31
C ALA A 18 -29.53 -15.67 -1.46
N GLU A 19 -28.67 -15.38 -2.43
CA GLU A 19 -28.58 -16.18 -3.66
C GLU A 19 -28.08 -17.61 -3.41
N ALA A 20 -27.47 -17.83 -2.24
CA ALA A 20 -26.91 -19.14 -1.89
C ALA A 20 -27.61 -19.75 -0.67
N ALA A 21 -28.77 -19.19 -0.31
CA ALA A 21 -29.45 -19.63 0.90
C ALA A 21 -29.68 -21.13 0.91
N ASP A 22 -30.17 -21.67 -0.20
CA ASP A 22 -30.44 -23.09 -0.30
C ASP A 22 -29.18 -23.93 -0.14
N TRP A 23 -28.08 -23.51 -0.74
CA TRP A 23 -26.85 -24.30 -0.69
C TRP A 23 -26.34 -24.44 0.74
N PHE A 24 -26.31 -23.34 1.49
CA PHE A 24 -25.83 -23.39 2.87
C PHE A 24 -26.81 -24.14 3.79
N LYS A 25 -28.10 -24.02 3.52
CA LYS A 25 -29.10 -24.78 4.27
C LYS A 25 -28.85 -26.28 4.12
N GLN A 26 -28.58 -26.71 2.89
CA GLN A 26 -28.35 -28.12 2.61
C GLN A 26 -27.02 -28.60 3.19
N ALA A 27 -26.01 -27.74 3.15
CA ALA A 27 -24.70 -28.08 3.71
C ALA A 27 -24.78 -28.21 5.25
N ALA A 28 -25.53 -27.31 5.88
CA ALA A 28 -25.69 -27.36 7.33
C ALA A 28 -26.43 -28.63 7.75
N GLN A 29 -27.46 -28.97 6.99
CA GLN A 29 -28.22 -30.20 7.25
C GLN A 29 -27.35 -31.45 7.07
N GLU A 30 -26.51 -31.45 6.03
CA GLU A 30 -25.61 -32.57 5.79
C GLU A 30 -24.62 -32.73 6.94
N PHE A 31 -24.08 -31.63 7.43
CA PHE A 31 -23.13 -31.68 8.54
C PHE A 31 -23.80 -32.19 9.81
N GLU A 32 -25.02 -31.72 10.06
CA GLU A 32 -25.80 -32.14 11.23
C GLU A 32 -26.07 -33.63 11.25
N LYS A 33 -26.35 -34.20 10.08
CA LYS A 33 -26.67 -35.62 10.00
C LYS A 33 -25.43 -36.46 10.31
N GLU A 34 -24.27 -35.94 9.93
CA GLU A 34 -22.98 -36.60 10.18
C GLU A 34 -22.43 -36.33 11.58
N ASN A 35 -22.97 -35.31 12.23
CA ASN A 35 -22.51 -34.90 13.57
C ASN A 35 -23.69 -34.55 14.48
N PRO A 36 -24.44 -35.57 14.92
CA PRO A 36 -25.70 -35.33 15.65
C PRO A 36 -25.56 -34.49 16.92
N ASP A 37 -24.37 -34.40 17.48
CA ASP A 37 -24.13 -33.61 18.68
C ASP A 37 -24.06 -32.10 18.39
N ILE A 38 -23.92 -31.75 17.11
CA ILE A 38 -23.85 -30.36 16.71
C ILE A 38 -25.07 -29.98 15.88
N ARG A 39 -25.99 -29.23 16.49
CA ARG A 39 -27.13 -28.70 15.76
C ARG A 39 -26.75 -27.33 15.21
N ILE A 40 -27.36 -26.94 14.09
CA ILE A 40 -27.11 -25.64 13.49
C ILE A 40 -28.43 -24.93 13.17
N ASN A 41 -28.59 -23.73 13.73
CA ASN A 41 -29.72 -22.88 13.44
C ASN A 41 -29.30 -21.72 12.56
N ILE A 42 -29.89 -21.60 11.38
CA ILE A 42 -29.56 -20.56 10.42
C ILE A 42 -30.51 -19.35 10.46
N ASN A 43 -29.98 -18.17 10.17
CA ASN A 43 -30.80 -17.02 9.80
C ASN A 43 -30.14 -16.22 8.67
N ASP A 51 -30.75 -5.09 12.82
CA ASP A 51 -29.53 -4.29 12.75
C ASP A 51 -28.32 -5.16 13.00
N LEU A 52 -27.26 -4.97 12.19
CA LEU A 52 -26.10 -5.84 12.28
C LEU A 52 -25.28 -5.61 13.54
N ARG A 53 -25.12 -4.35 13.92
CA ARG A 53 -24.38 -4.04 15.15
C ARG A 53 -25.07 -4.70 16.35
N THR A 54 -26.39 -4.83 16.28
CA THR A 54 -27.16 -5.45 17.36
C THR A 54 -26.92 -6.96 17.39
N ARG A 55 -26.97 -7.60 16.21
CA ARG A 55 -26.84 -9.05 16.12
C ARG A 55 -25.43 -9.51 16.51
N PHE A 56 -24.44 -8.63 16.32
CA PHE A 56 -23.03 -9.01 16.53
C PHE A 56 -22.50 -8.58 17.89
N VAL A 57 -23.38 -8.07 18.75
CA VAL A 57 -23.04 -7.81 20.15
C VAL A 57 -22.41 -9.05 20.78
N LYS A 58 -21.37 -8.83 21.59
CA LYS A 58 -20.51 -9.91 22.07
C LYS A 58 -21.25 -11.10 22.70
N ASP A 59 -22.29 -10.81 23.50
CA ASP A 59 -22.99 -11.87 24.23
C ASP A 59 -23.80 -12.79 23.34
N ARG A 60 -24.18 -12.31 22.16
CA ARG A 60 -25.02 -13.08 21.24
C ARG A 60 -24.41 -13.26 19.86
N VAL A 61 -23.12 -12.94 19.71
CA VAL A 61 -22.48 -13.04 18.40
C VAL A 61 -22.65 -14.46 17.85
N PRO A 62 -23.00 -14.57 16.56
CA PRO A 62 -23.13 -15.89 15.92
C PRO A 62 -21.84 -16.70 15.99
N ASP A 63 -22.00 -18.02 16.05
CA ASP A 63 -20.88 -18.93 16.07
C ASP A 63 -20.19 -19.03 14.70
N VAL A 64 -20.99 -19.18 13.65
CA VAL A 64 -20.48 -19.27 12.29
C VAL A 64 -21.12 -18.16 11.47
N ILE A 65 -20.31 -17.54 10.61
CA ILE A 65 -20.71 -16.35 9.89
C ILE A 65 -20.20 -16.41 8.46
N THR A 66 -21.07 -16.12 7.50
CA THR A 66 -20.60 -15.76 6.16
C THR A 66 -20.85 -14.28 5.98
N PHE A 67 -19.96 -13.63 5.24
CA PHE A 67 -20.01 -12.20 5.04
C PHE A 67 -19.41 -11.89 3.68
N ASN A 68 -19.95 -10.90 2.98
CA ASN A 68 -19.30 -10.44 1.77
C ASN A 68 -18.02 -9.72 2.16
N GLY A 69 -16.97 -9.91 1.39
CA GLY A 69 -15.70 -9.24 1.66
C GLY A 69 -15.66 -7.80 1.20
N ASP A 70 -16.26 -6.89 1.97
CA ASP A 70 -16.28 -5.47 1.61
C ASP A 70 -15.92 -4.59 2.81
N TYR A 71 -16.24 -3.31 2.73
CA TYR A 71 -15.80 -2.35 3.75
C TYR A 71 -16.41 -2.70 5.11
N SER A 72 -17.67 -3.12 5.10
CA SER A 72 -18.37 -3.51 6.32
C SER A 72 -17.69 -4.68 7.01
N PHE A 73 -17.28 -5.67 6.22
CA PHE A 73 -16.49 -6.77 6.77
C PHE A 73 -15.27 -6.22 7.49
N GLY A 74 -14.58 -5.30 6.83
CA GLY A 74 -13.36 -4.71 7.37
C GLY A 74 -13.56 -3.91 8.64
N THR A 75 -14.72 -3.26 8.77
CA THR A 75 -15.01 -2.48 9.98
C THR A 75 -15.30 -3.43 11.14
N PHE A 76 -16.09 -4.46 10.88
CA PHE A 76 -16.39 -5.44 11.93
C PHE A 76 -15.12 -6.18 12.31
N ALA A 77 -14.29 -6.52 11.33
CA ALA A 77 -13.01 -7.15 11.60
C ALA A 77 -12.14 -6.29 12.51
N ALA A 78 -12.05 -5.00 12.19
CA ALA A 78 -11.22 -4.08 12.96
C ALA A 78 -11.76 -3.90 14.38
N SER A 79 -13.06 -4.05 14.57
CA SER A 79 -13.71 -3.84 15.85
CA SER A 79 -13.67 -3.81 15.87
C SER A 79 -13.65 -5.06 16.76
N GLY A 80 -13.11 -6.16 16.24
CA GLY A 80 -12.94 -7.38 17.02
C GLY A 80 -14.12 -8.35 17.05
N VAL A 81 -15.06 -8.22 16.11
CA VAL A 81 -16.25 -9.07 16.13
C VAL A 81 -15.92 -10.51 15.71
N PHE A 82 -14.92 -10.63 14.84
CA PHE A 82 -14.58 -11.91 14.20
C PHE A 82 -13.32 -12.53 14.80
N HIS A 83 -13.34 -13.86 14.86
CA HIS A 83 -12.17 -14.67 15.21
C HIS A 83 -10.96 -14.33 14.34
N ASP A 84 -9.79 -14.31 14.98
CA ASP A 84 -8.51 -14.07 14.30
C ASP A 84 -7.94 -15.39 13.78
N PHE A 85 -8.00 -15.57 12.45
CA PHE A 85 -7.54 -16.79 11.79
C PHE A 85 -6.09 -16.73 11.32
N THR A 86 -5.40 -15.64 11.65
CA THR A 86 -4.01 -15.48 11.23
C THR A 86 -3.23 -16.70 11.70
N ASP A 87 -2.45 -17.30 10.80
CA ASP A 87 -1.60 -18.45 11.12
C ASP A 87 -2.38 -19.76 11.32
N ASP A 88 -3.69 -19.76 11.13
CA ASP A 88 -4.46 -21.01 11.20
C ASP A 88 -3.93 -21.99 10.15
N PRO A 89 -3.70 -23.27 10.51
CA PRO A 89 -3.12 -24.21 9.57
C PRO A 89 -3.87 -24.33 8.24
N LEU A 90 -5.16 -24.05 8.25
CA LEU A 90 -5.97 -24.10 7.03
C LEU A 90 -5.51 -23.10 5.96
N VAL A 91 -5.01 -21.95 6.41
CA VAL A 91 -4.73 -20.83 5.52
C VAL A 91 -3.69 -21.18 4.46
N SER A 92 -2.81 -22.12 4.78
CA SER A 92 -1.71 -22.46 3.89
C SER A 92 -2.18 -23.15 2.62
N GLU A 93 -3.41 -23.69 2.64
CA GLU A 93 -3.99 -24.35 1.47
C GLU A 93 -4.61 -23.35 0.50
N LEU A 94 -4.69 -22.09 0.91
CA LEU A 94 -5.50 -21.11 0.20
C LEU A 94 -4.71 -20.18 -0.71
N ASN A 95 -5.37 -19.75 -1.77
CA ASN A 95 -4.92 -18.68 -2.66
C ASN A 95 -4.43 -17.46 -1.89
N GLU A 96 -3.13 -17.19 -1.94
CA GLU A 96 -2.54 -16.10 -1.17
C GLU A 96 -3.13 -14.73 -1.52
N GLY A 97 -3.44 -14.52 -2.80
CA GLY A 97 -4.06 -13.27 -3.22
C GLY A 97 -5.40 -13.05 -2.54
N MET A 98 -6.18 -14.12 -2.43
CA MET A 98 -7.50 -14.02 -1.83
C MET A 98 -7.39 -13.85 -0.31
N VAL A 99 -6.39 -14.50 0.28
CA VAL A 99 -6.14 -14.30 1.70
C VAL A 99 -5.71 -12.84 1.94
N ASN A 100 -4.86 -12.31 1.06
CA ASN A 100 -4.37 -10.95 1.26
C ASN A 100 -5.47 -9.94 1.04
N ILE A 101 -6.38 -10.23 0.13
CA ILE A 101 -7.57 -9.40 -0.04
C ILE A 101 -8.32 -9.29 1.29
N ALA A 102 -8.55 -10.42 1.96
CA ALA A 102 -9.27 -10.40 3.24
C ALA A 102 -8.52 -9.60 4.30
N LYS A 103 -7.21 -9.78 4.36
CA LYS A 103 -6.39 -9.04 5.33
C LYS A 103 -6.43 -7.54 5.07
N ASN A 104 -6.38 -7.16 3.80
CA ASN A 104 -6.29 -5.76 3.44
C ASN A 104 -7.63 -5.03 3.59
N LEU A 105 -8.72 -5.77 3.78
CA LEU A 105 -10.02 -5.15 4.03
C LEU A 105 -10.13 -4.56 5.44
N VAL A 106 -9.29 -5.00 6.37
CA VAL A 106 -9.39 -4.52 7.73
C VAL A 106 -9.22 -3.01 7.76
N GLN A 107 -10.19 -2.34 8.36
CA GLN A 107 -10.24 -0.89 8.35
C GLN A 107 -9.45 -0.36 9.53
N THR A 108 -8.15 -0.22 9.29
CA THR A 108 -7.21 0.22 10.31
C THR A 108 -6.08 0.97 9.61
N SER A 109 -5.49 1.95 10.29
CA SER A 109 -4.34 2.66 9.73
C SER A 109 -3.03 2.03 10.20
N ASP A 110 -3.13 0.99 11.03
CA ASP A 110 -1.99 0.28 11.57
C ASP A 110 -1.69 -0.96 10.72
N PRO A 111 -0.53 -0.98 10.02
CA PRO A 111 -0.24 -2.13 9.15
C PRO A 111 -0.23 -3.48 9.88
N ALA A 112 0.20 -3.49 11.15
CA ALA A 112 0.29 -4.75 11.89
C ALA A 112 -1.08 -5.28 12.29
N LYS A 113 -2.10 -4.45 12.10
CA LYS A 113 -3.47 -4.87 12.44
C LYS A 113 -4.22 -5.39 11.23
N LYS A 114 -3.57 -5.44 10.06
CA LYS A 114 -4.13 -6.06 8.87
C LYS A 114 -4.06 -7.58 8.96
N ARG A 115 -4.79 -8.14 9.91
CA ARG A 115 -4.74 -9.57 10.17
C ARG A 115 -5.92 -10.27 9.51
N LEU A 116 -5.92 -11.60 9.58
CA LEU A 116 -6.94 -12.40 8.90
C LEU A 116 -8.09 -12.74 9.83
N TYR A 117 -9.28 -12.26 9.50
CA TYR A 117 -10.43 -12.39 10.39
C TYR A 117 -11.54 -13.22 9.75
N GLY A 118 -11.17 -14.00 8.75
CA GLY A 118 -12.08 -14.93 8.11
C GLY A 118 -11.33 -15.66 7.03
N LEU A 119 -11.93 -16.73 6.54
CA LEU A 119 -11.33 -17.53 5.49
C LEU A 119 -12.03 -17.25 4.18
N PRO A 120 -11.26 -16.90 3.13
CA PRO A 120 -11.93 -16.77 1.83
C PRO A 120 -12.58 -18.07 1.42
N PHE A 121 -13.88 -18.01 1.12
CA PHE A 121 -14.65 -19.21 0.79
C PHE A 121 -14.98 -19.28 -0.70
N ALA A 122 -15.17 -18.11 -1.31
CA ALA A 122 -15.48 -18.04 -2.73
C ALA A 122 -15.12 -16.68 -3.29
N GLY A 123 -14.61 -16.67 -4.51
CA GLY A 123 -14.27 -15.45 -5.19
C GLY A 123 -15.30 -15.08 -6.24
N ASN A 124 -15.30 -13.80 -6.60
CA ASN A 124 -16.14 -13.31 -7.67
C ASN A 124 -15.30 -12.53 -8.67
N ALA A 125 -15.97 -11.97 -9.67
CA ALA A 125 -15.37 -11.00 -10.56
C ALA A 125 -16.48 -10.05 -10.98
N SER A 126 -16.11 -8.81 -11.31
CA SER A 126 -17.04 -7.84 -11.81
C SER A 126 -16.76 -7.59 -13.27
N GLY A 127 -17.82 -7.48 -14.08
CA GLY A 127 -17.66 -7.30 -15.50
C GLY A 127 -19.02 -7.28 -16.14
N TYR A 128 -19.24 -8.15 -17.13
CA TYR A 128 -20.59 -8.33 -17.62
C TYR A 128 -20.83 -9.76 -18.05
N ILE A 129 -22.07 -10.17 -17.88
CA ILE A 129 -22.55 -11.47 -18.32
C ILE A 129 -23.17 -11.27 -19.70
N TYR A 130 -22.82 -12.12 -20.66
CA TYR A 130 -23.37 -11.98 -22.01
C TYR A 130 -23.95 -13.29 -22.56
N ASN A 131 -24.90 -13.12 -23.47
CA ASN A 131 -25.60 -14.23 -24.09
C ASN A 131 -24.86 -14.68 -25.35
N LYS A 132 -24.25 -15.87 -25.29
CA LYS A 132 -23.41 -16.35 -26.38
C LYS A 132 -24.22 -16.57 -27.66
N ASP A 133 -25.46 -17.03 -27.54
CA ASP A 133 -26.29 -17.26 -28.71
C ASP A 133 -26.59 -15.95 -29.44
N LEU A 134 -26.81 -14.87 -28.69
CA LEU A 134 -27.04 -13.57 -29.32
C LEU A 134 -25.75 -13.03 -29.94
N PHE A 135 -24.62 -13.37 -29.33
CA PHE A 135 -23.31 -13.04 -29.92
C PHE A 135 -23.19 -13.71 -31.29
N ARG A 136 -23.44 -15.02 -31.34
CA ARG A 136 -23.33 -15.76 -32.59
C ARG A 136 -24.31 -15.22 -33.62
N LYS A 137 -25.50 -14.85 -33.15
CA LYS A 137 -26.55 -14.32 -34.00
C LYS A 137 -26.08 -13.15 -34.86
N VAL A 138 -25.27 -12.28 -34.27
CA VAL A 138 -24.80 -11.07 -34.95
C VAL A 138 -23.33 -11.15 -35.38
N GLY A 139 -22.79 -12.37 -35.40
CA GLY A 139 -21.47 -12.59 -35.97
C GLY A 139 -20.27 -12.31 -35.07
N LEU A 140 -20.51 -12.16 -33.77
CA LEU A 140 -19.43 -11.93 -32.81
C LEU A 140 -18.90 -13.25 -32.27
N ASP A 141 -17.62 -13.27 -31.93
CA ASP A 141 -16.98 -14.45 -31.36
C ASP A 141 -17.34 -14.57 -29.88
N PRO A 142 -18.12 -15.61 -29.50
CA PRO A 142 -18.57 -15.71 -28.11
C PRO A 142 -17.46 -16.10 -27.14
N ASP A 143 -16.31 -16.54 -27.67
CA ASP A 143 -15.20 -16.98 -26.83
C ASP A 143 -14.14 -15.90 -26.67
N ASN A 144 -14.26 -14.81 -27.42
CA ASN A 144 -13.30 -13.72 -27.37
C ASN A 144 -14.01 -12.36 -27.39
N PRO A 145 -14.49 -11.91 -26.21
CA PRO A 145 -15.21 -10.63 -26.12
C PRO A 145 -14.29 -9.42 -26.28
N PRO A 146 -14.88 -8.23 -26.50
CA PRO A 146 -14.16 -6.97 -26.76
C PRO A 146 -12.97 -6.71 -25.84
N GLN A 147 -11.88 -6.21 -26.43
CA GLN A 147 -10.63 -5.96 -25.71
C GLN A 147 -10.41 -4.50 -25.35
N THR A 148 -11.19 -3.61 -25.95
CA THR A 148 -11.08 -2.17 -25.70
C THR A 148 -12.44 -1.53 -25.53
N TRP A 149 -12.44 -0.34 -24.95
CA TRP A 149 -13.66 0.43 -24.74
C TRP A 149 -14.39 0.66 -26.07
N ASP A 150 -13.67 1.10 -27.09
CA ASP A 150 -14.29 1.37 -28.38
C ASP A 150 -14.92 0.11 -28.97
N GLU A 151 -14.27 -1.03 -28.81
CA GLU A 151 -14.81 -2.28 -29.33
C GLU A 151 -16.02 -2.72 -28.50
N PHE A 152 -16.01 -2.42 -27.21
CA PHE A 152 -17.12 -2.75 -26.34
C PHE A 152 -18.34 -1.94 -26.75
N ILE A 153 -18.17 -0.64 -26.93
CA ILE A 153 -19.26 0.22 -27.34
C ILE A 153 -19.74 -0.16 -28.75
N ALA A 154 -18.81 -0.45 -29.65
CA ALA A 154 -19.16 -0.90 -31.00
C ALA A 154 -20.04 -2.16 -30.95
N MET A 155 -19.72 -3.07 -30.03
CA MET A 155 -20.51 -4.27 -29.85
CA MET A 155 -20.50 -4.29 -29.86
C MET A 155 -21.94 -3.94 -29.43
N LEU A 156 -22.07 -2.97 -28.52
CA LEU A 156 -23.40 -2.59 -28.05
C LEU A 156 -24.20 -1.94 -29.18
N LYS A 157 -23.53 -1.10 -29.96
CA LYS A 157 -24.19 -0.44 -31.10
C LYS A 157 -24.62 -1.49 -32.11
N LYS A 158 -23.80 -2.52 -32.28
CA LYS A 158 -24.11 -3.60 -33.20
C LYS A 158 -25.40 -4.32 -32.79
N PHE A 159 -25.57 -4.59 -31.49
CA PHE A 159 -26.80 -5.24 -31.04
C PHE A 159 -28.00 -4.33 -31.23
N ARG A 160 -27.86 -3.05 -30.90
CA ARG A 160 -28.93 -2.10 -31.10
C ARG A 160 -29.36 -2.06 -32.57
N ASP A 161 -28.38 -2.02 -33.47
CA ASP A 161 -28.69 -1.92 -34.90
C ASP A 161 -29.30 -3.22 -35.42
N ALA A 162 -29.11 -4.32 -34.69
CA ALA A 162 -29.68 -5.61 -35.09
C ALA A 162 -31.04 -5.86 -34.40
N GLY A 163 -31.54 -4.86 -33.67
CA GLY A 163 -32.85 -4.93 -33.07
C GLY A 163 -32.87 -5.61 -31.71
N ILE A 164 -31.68 -5.75 -31.12
CA ILE A 164 -31.53 -6.41 -29.82
C ILE A 164 -31.20 -5.39 -28.73
N ASN A 165 -31.92 -5.47 -27.61
CA ASN A 165 -31.62 -4.64 -26.44
C ASN A 165 -30.20 -4.94 -25.97
N PRO A 166 -29.28 -3.96 -26.10
CA PRO A 166 -27.89 -4.28 -25.77
C PRO A 166 -27.63 -4.57 -24.29
N VAL A 167 -28.17 -3.75 -23.39
CA VAL A 167 -27.86 -3.82 -21.97
C VAL A 167 -29.12 -3.94 -21.11
N GLN A 168 -29.16 -4.94 -20.23
CA GLN A 168 -30.22 -5.02 -19.23
C GLN A 168 -29.75 -4.33 -17.96
N ALA A 169 -30.27 -3.12 -17.76
CA ALA A 169 -30.01 -2.39 -16.52
C ALA A 169 -30.98 -2.88 -15.45
N THR A 170 -30.65 -2.60 -14.18
CA THR A 170 -31.49 -2.94 -13.04
C THR A 170 -31.54 -1.77 -12.05
N LEU A 171 -31.94 -0.61 -12.54
CA LEU A 171 -31.78 0.65 -11.82
C LEU A 171 -32.73 0.83 -10.64
N ALA A 172 -33.69 -0.06 -10.50
CA ALA A 172 -34.59 -0.01 -9.34
C ALA A 172 -33.86 -0.40 -8.07
N ASP A 173 -32.81 -1.23 -8.22
CA ASP A 173 -31.99 -1.62 -7.07
C ASP A 173 -30.63 -0.94 -7.16
N ALA A 174 -30.46 0.07 -6.32
CA ALA A 174 -29.35 1.00 -6.44
C ALA A 174 -27.97 0.32 -6.40
N TRP A 175 -27.83 -0.72 -5.58
CA TRP A 175 -26.54 -1.35 -5.43
C TRP A 175 -26.00 -1.90 -6.75
N THR A 176 -26.88 -2.27 -7.67
CA THR A 176 -26.42 -2.85 -8.93
C THR A 176 -25.68 -1.84 -9.80
N THR A 177 -25.91 -0.54 -9.55
CA THR A 177 -25.20 0.49 -10.30
C THR A 177 -23.74 0.56 -9.88
N GLN A 178 -23.42 -0.06 -8.75
CA GLN A 178 -22.05 -0.05 -8.26
C GLN A 178 -21.18 -1.02 -9.05
N ALA A 179 -21.81 -1.98 -9.72
CA ALA A 179 -21.03 -3.01 -10.40
C ALA A 179 -20.25 -2.46 -11.60
N PRO A 180 -20.91 -1.74 -12.53
CA PRO A 180 -20.11 -1.17 -13.62
C PRO A 180 -19.06 -0.18 -13.15
N LEU A 181 -19.36 0.62 -12.13
CA LEU A 181 -18.38 1.56 -11.60
C LEU A 181 -17.11 0.82 -11.19
N ALA A 182 -17.29 -0.28 -10.46
CA ALA A 182 -16.16 -1.05 -9.96
C ALA A 182 -15.46 -1.79 -11.11
N SER A 183 -16.22 -2.25 -12.09
CA SER A 183 -15.61 -2.88 -13.25
C SER A 183 -14.68 -1.89 -13.97
N LEU A 184 -15.18 -0.70 -14.22
CA LEU A 184 -14.41 0.31 -14.95
C LEU A 184 -13.25 0.87 -14.14
N ALA A 185 -13.50 1.16 -12.86
CA ALA A 185 -12.48 1.72 -11.99
C ALA A 185 -11.30 0.77 -11.77
N GLY A 186 -11.57 -0.54 -11.87
CA GLY A 186 -10.55 -1.55 -11.70
C GLY A 186 -9.37 -1.30 -12.61
N THR A 187 -9.66 -0.86 -13.83
CA THR A 187 -8.64 -0.53 -14.82
C THR A 187 -8.19 0.93 -14.71
N LEU A 188 -9.14 1.83 -14.51
CA LEU A 188 -8.85 3.26 -14.57
C LEU A 188 -8.19 3.81 -13.30
N VAL A 189 -8.42 3.19 -12.15
CA VAL A 189 -8.03 3.78 -10.87
C VAL A 189 -7.22 2.81 -10.00
N PRO A 190 -5.90 3.00 -9.93
CA PRO A 190 -5.07 2.18 -9.04
C PRO A 190 -5.52 2.27 -7.58
N GLU A 191 -5.48 1.16 -6.85
CA GLU A 191 -5.89 1.17 -5.45
C GLU A 191 -5.12 2.20 -4.63
N SER A 192 -3.89 2.47 -5.04
CA SER A 192 -3.07 3.41 -4.30
C SER A 192 -3.71 4.80 -4.24
N GLU A 193 -4.56 5.12 -5.22
CA GLU A 193 -5.22 6.42 -5.25
C GLU A 193 -6.11 6.65 -4.02
N TYR A 194 -6.64 5.59 -3.43
CA TYR A 194 -7.58 5.76 -2.32
C TYR A 194 -6.85 6.14 -1.05
N ALA A 195 -5.60 5.70 -0.89
CA ALA A 195 -4.76 6.20 0.19
C ALA A 195 -4.54 7.70 0.05
N ALA A 196 -4.29 8.15 -1.18
CA ALA A 196 -4.08 9.56 -1.47
C ALA A 196 -5.35 10.36 -1.21
N LEU A 197 -6.48 9.77 -1.58
CA LEU A 197 -7.79 10.36 -1.39
C LEU A 197 -8.07 10.58 0.09
N LYS A 198 -7.64 9.63 0.92
CA LYS A 198 -7.92 9.70 2.34
C LYS A 198 -7.11 10.83 2.99
N SER A 199 -5.88 11.03 2.51
CA SER A 199 -5.01 12.06 3.05
C SER A 199 -5.27 13.44 2.44
N GLY A 200 -6.16 13.50 1.44
CA GLY A 200 -6.47 14.76 0.79
C GLY A 200 -5.52 15.09 -0.34
N ASP A 201 -4.65 14.14 -0.68
CA ASP A 201 -3.65 14.37 -1.72
C ASP A 201 -4.21 14.14 -3.13
N THR A 202 -5.46 13.69 -3.22
CA THR A 202 -6.20 13.74 -4.48
C THR A 202 -7.69 13.87 -4.18
N THR A 203 -8.51 13.93 -5.23
CA THR A 203 -9.94 14.21 -5.09
C THR A 203 -10.76 13.26 -5.95
N PHE A 204 -12.04 13.12 -5.64
CA PHE A 204 -12.94 12.33 -6.47
C PHE A 204 -12.99 12.88 -7.90
N LYS A 205 -12.95 14.19 -8.04
CA LYS A 205 -13.00 14.77 -9.38
C LYS A 205 -11.86 14.23 -10.23
N GLN A 206 -10.68 14.11 -9.63
CA GLN A 206 -9.50 13.67 -10.38
C GLN A 206 -9.54 12.18 -10.74
N ILE A 207 -10.08 11.33 -9.86
CA ILE A 207 -10.00 9.87 -10.10
C ILE A 207 -11.29 9.19 -10.58
N TRP A 208 -12.46 9.75 -10.26
CA TRP A 208 -13.70 9.07 -10.61
C TRP A 208 -14.53 9.72 -11.71
N THR A 209 -14.12 10.87 -12.21
CA THR A 209 -14.88 11.49 -13.29
C THR A 209 -14.99 10.56 -14.51
N GLU A 210 -13.88 9.96 -14.91
CA GLU A 210 -13.90 9.12 -16.11
C GLU A 210 -14.70 7.83 -15.93
N PRO A 211 -14.49 7.10 -14.81
CA PRO A 211 -15.37 5.95 -14.59
C PRO A 211 -16.87 6.26 -14.61
N ILE A 212 -17.31 7.37 -14.00
CA ILE A 212 -18.74 7.68 -13.96
CA ILE A 212 -18.73 7.69 -13.97
C ILE A 212 -19.21 8.08 -15.36
N GLU A 213 -18.37 8.78 -16.12
CA GLU A 213 -18.74 9.19 -17.46
C GLU A 213 -18.96 7.96 -18.36
N LYS A 214 -18.11 6.95 -18.20
CA LYS A 214 -18.22 5.74 -19.00
C LYS A 214 -19.38 4.86 -18.55
N GLU A 215 -19.70 4.89 -17.25
CA GLU A 215 -20.85 4.13 -16.79
C GLU A 215 -22.12 4.73 -17.38
N ILE A 216 -22.16 6.06 -17.47
CA ILE A 216 -23.30 6.75 -18.06
C ILE A 216 -23.41 6.38 -19.53
N GLU A 217 -22.27 6.31 -20.22
CA GLU A 217 -22.26 5.93 -21.61
C GLU A 217 -22.74 4.48 -21.81
N LEU A 218 -22.32 3.59 -20.91
CA LEU A 218 -22.80 2.20 -20.92
C LEU A 218 -24.32 2.13 -20.91
N PHE A 219 -24.94 2.88 -20.01
CA PHE A 219 -26.38 2.74 -19.80
C PHE A 219 -27.18 3.52 -20.85
N LYS A 220 -26.48 4.25 -21.72
CA LYS A 220 -27.10 4.78 -22.94
C LYS A 220 -27.68 3.66 -23.77
N TYR A 221 -27.09 2.48 -23.66
CA TYR A 221 -27.45 1.34 -24.48
C TYR A 221 -28.38 0.38 -23.72
N ALA A 222 -28.89 0.83 -22.58
CA ALA A 222 -30.00 0.16 -21.92
C ALA A 222 -31.28 0.64 -22.57
N ASP A 223 -31.66 -0.02 -23.66
CA ASP A 223 -32.70 0.48 -24.55
C ASP A 223 -34.11 0.09 -24.10
N SER A 224 -34.20 -0.92 -23.24
CA SER A 224 -35.49 -1.44 -22.81
C SER A 224 -35.46 -1.86 -21.33
N GLU A 225 -36.51 -1.48 -20.60
CA GLU A 225 -36.72 -1.95 -19.23
C GLU A 225 -35.55 -1.60 -18.29
N LYS A 226 -34.99 -0.40 -18.42
CA LYS A 226 -33.82 -0.07 -17.62
C LYS A 226 -34.13 0.09 -16.13
N GLY A 227 -35.38 0.38 -15.81
CA GLY A 227 -35.75 0.74 -14.44
C GLY A 227 -36.29 -0.40 -13.59
N VAL A 228 -35.92 -1.64 -13.92
CA VAL A 228 -36.46 -2.79 -13.20
C VAL A 228 -35.53 -3.24 -12.06
N THR A 229 -36.00 -4.22 -11.29
CA THR A 229 -35.24 -4.74 -10.16
C THR A 229 -34.16 -5.71 -10.60
N TYR A 230 -33.29 -6.05 -9.65
CA TYR A 230 -32.25 -7.06 -9.83
C TYR A 230 -32.87 -8.37 -10.33
N GLN A 231 -33.90 -8.84 -9.65
CA GLN A 231 -34.57 -10.09 -10.01
C GLN A 231 -35.26 -10.00 -11.38
N GLN A 232 -35.95 -8.89 -11.65
CA GLN A 232 -36.61 -8.73 -12.93
C GLN A 232 -35.58 -8.73 -14.06
N GLY A 233 -34.46 -8.06 -13.83
CA GLY A 233 -33.39 -7.98 -14.80
C GLY A 233 -32.80 -9.33 -15.16
N THR A 234 -32.55 -10.16 -14.14
CA THR A 234 -31.93 -11.44 -14.41
C THR A 234 -32.93 -12.40 -15.05
N GLN A 235 -34.22 -12.21 -14.72
CA GLN A 235 -35.29 -12.96 -15.38
C GLN A 235 -35.38 -12.58 -16.86
N ASN A 236 -35.38 -11.29 -17.15
CA ASN A 236 -35.38 -10.82 -18.54
C ASN A 236 -34.22 -11.40 -19.34
N PHE A 237 -33.03 -11.28 -18.77
CA PHE A 237 -31.84 -11.78 -19.44
C PHE A 237 -31.91 -13.29 -19.67
N ALA A 238 -32.44 -14.02 -18.70
CA ALA A 238 -32.56 -15.47 -18.81
C ALA A 238 -33.47 -15.87 -19.97
N LYS A 239 -34.41 -14.99 -20.30
CA LYS A 239 -35.40 -15.27 -21.33
C LYS A 239 -34.96 -14.67 -22.67
N GLY A 240 -33.70 -14.26 -22.76
CA GLY A 240 -33.07 -13.95 -24.02
C GLY A 240 -33.34 -12.57 -24.57
N THR A 241 -33.72 -11.63 -23.71
CA THR A 241 -34.17 -10.32 -24.20
C THR A 241 -33.07 -9.25 -24.21
N ALA A 242 -31.85 -9.60 -23.80
CA ALA A 242 -30.75 -8.62 -23.83
C ALA A 242 -29.40 -9.27 -24.08
N ALA A 243 -28.49 -8.52 -24.74
CA ALA A 243 -27.18 -9.05 -25.08
C ALA A 243 -26.31 -9.22 -23.84
N ILE A 244 -26.29 -8.20 -22.97
CA ILE A 244 -25.46 -8.27 -21.77
C ILE A 244 -26.23 -7.79 -20.54
N ILE A 245 -25.78 -8.22 -19.36
CA ILE A 245 -26.24 -7.65 -18.11
C ILE A 245 -24.98 -7.35 -17.28
N PRO A 246 -24.72 -6.07 -17.00
CA PRO A 246 -23.41 -5.66 -16.47
C PRO A 246 -23.27 -5.85 -14.96
N LEU A 247 -23.42 -7.10 -14.53
CA LEU A 247 -23.23 -7.50 -13.14
C LEU A 247 -22.12 -8.51 -13.08
N GLY A 248 -21.71 -8.84 -11.86
CA GLY A 248 -20.63 -9.77 -11.63
C GLY A 248 -21.07 -11.21 -11.60
N THR A 249 -20.12 -12.08 -11.31
CA THR A 249 -20.32 -13.51 -11.41
C THR A 249 -21.43 -14.02 -10.46
N TYR A 250 -21.62 -13.32 -9.35
CA TYR A 250 -22.65 -13.68 -8.36
C TYR A 250 -24.06 -13.71 -8.94
N ALA A 251 -24.27 -13.04 -10.07
CA ALA A 251 -25.61 -12.98 -10.66
C ALA A 251 -25.91 -14.17 -11.55
N ILE A 252 -24.87 -14.91 -11.94
CA ILE A 252 -25.04 -16.00 -12.89
C ILE A 252 -26.02 -17.06 -12.37
N PRO A 253 -25.91 -17.48 -11.10
CA PRO A 253 -26.90 -18.48 -10.66
C PRO A 253 -28.35 -17.98 -10.64
N GLN A 254 -28.57 -16.68 -10.45
CA GLN A 254 -29.90 -16.09 -10.50
C GLN A 254 -30.48 -16.20 -11.92
N ILE A 255 -29.60 -16.18 -12.91
CA ILE A 255 -30.01 -16.28 -14.30
C ILE A 255 -30.30 -17.74 -14.68
N THR A 256 -29.38 -18.63 -14.34
CA THR A 256 -29.50 -20.02 -14.76
C THR A 256 -30.65 -20.74 -14.05
N MET A 257 -31.06 -20.25 -12.90
CA MET A 257 -32.17 -20.92 -12.21
C MET A 257 -33.46 -20.69 -12.97
N VAL A 258 -33.56 -19.58 -13.71
CA VAL A 258 -34.74 -19.27 -14.51
C VAL A 258 -34.71 -20.02 -15.83
N ASN A 259 -33.52 -20.13 -16.43
CA ASN A 259 -33.35 -20.84 -17.70
C ASN A 259 -32.06 -21.64 -17.65
N LYS A 260 -32.18 -22.91 -17.27
CA LYS A 260 -31.03 -23.71 -16.89
C LYS A 260 -29.99 -23.96 -17.99
N ASP A 261 -30.40 -23.92 -19.26
CA ASP A 261 -29.45 -24.20 -20.33
C ASP A 261 -29.16 -22.97 -21.20
N ILE A 262 -29.31 -21.77 -20.64
CA ILE A 262 -28.91 -20.57 -21.35
C ILE A 262 -27.39 -20.59 -21.51
N ASP A 263 -26.92 -20.15 -22.67
CA ASP A 263 -25.50 -20.22 -23.00
C ASP A 263 -24.82 -18.88 -22.67
N LEU A 264 -24.18 -18.84 -21.51
CA LEU A 264 -23.63 -17.60 -20.95
C LEU A 264 -22.12 -17.52 -21.06
N GLY A 265 -21.63 -16.30 -21.20
CA GLY A 265 -20.22 -16.00 -21.03
C GLY A 265 -20.10 -14.91 -19.99
N PHE A 266 -18.90 -14.78 -19.43
CA PHE A 266 -18.59 -13.68 -18.55
C PHE A 266 -17.30 -13.02 -19.03
N ALA A 267 -17.31 -11.71 -19.12
CA ALA A 267 -16.18 -10.97 -19.68
C ALA A 267 -15.78 -9.78 -18.82
N GLN A 268 -14.50 -9.44 -18.91
CA GLN A 268 -14.00 -8.18 -18.36
C GLN A 268 -14.58 -7.03 -19.18
N MET A 269 -14.96 -5.94 -18.51
CA MET A 269 -15.45 -4.76 -19.19
C MET A 269 -14.27 -3.81 -19.43
N PRO A 270 -13.80 -3.71 -20.69
CA PRO A 270 -12.60 -2.91 -20.93
C PRO A 270 -12.90 -1.42 -20.85
N ALA A 271 -12.14 -0.70 -20.02
CA ALA A 271 -12.48 0.65 -19.61
C ALA A 271 -11.76 1.72 -20.44
N THR A 272 -10.77 1.29 -21.22
CA THR A 272 -9.98 2.21 -22.01
C THR A 272 -9.64 1.58 -23.35
N ASN A 273 -8.97 2.36 -24.20
CA ASN A 273 -8.54 1.87 -25.50
C ASN A 273 -7.09 1.41 -25.47
N ASP A 274 -6.64 1.10 -24.26
CA ASP A 274 -5.32 0.54 -24.05
C ASP A 274 -5.50 -0.96 -23.79
N ALA A 275 -5.48 -1.74 -24.87
CA ALA A 275 -5.76 -3.16 -24.80
C ALA A 275 -4.69 -3.92 -24.01
N SER A 276 -3.50 -3.32 -23.91
CA SER A 276 -2.37 -3.96 -23.25
C SER A 276 -2.37 -3.76 -21.74
N LYS A 277 -3.27 -2.90 -21.25
CA LYS A 277 -3.36 -2.60 -19.82
C LYS A 277 -4.80 -2.67 -19.30
N GLN A 278 -5.40 -3.84 -19.40
CA GLN A 278 -6.74 -4.06 -18.85
C GLN A 278 -6.64 -4.89 -17.57
N ILE A 279 -7.51 -4.58 -16.62
CA ILE A 279 -7.51 -5.23 -15.32
C ILE A 279 -8.92 -5.70 -14.96
N LEU A 280 -9.01 -6.84 -14.29
CA LEU A 280 -10.28 -7.43 -13.91
C LEU A 280 -10.56 -7.22 -12.42
N THR A 281 -11.64 -6.52 -12.11
CA THR A 281 -12.06 -6.36 -10.74
C THR A 281 -12.52 -7.71 -10.18
N ALA A 282 -11.95 -8.08 -9.04
CA ALA A 282 -12.21 -9.38 -8.42
C ALA A 282 -12.03 -9.28 -6.92
N GLY A 283 -12.89 -9.98 -6.18
CA GLY A 283 -12.84 -9.93 -4.73
C GLY A 283 -13.23 -11.22 -4.07
N ASP A 284 -13.22 -11.19 -2.75
CA ASP A 284 -13.70 -12.31 -1.97
C ASP A 284 -15.20 -12.17 -1.79
N ASP A 285 -15.95 -12.97 -2.53
CA ASP A 285 -17.41 -12.88 -2.52
C ASP A 285 -18.00 -13.32 -1.19
N VAL A 286 -17.43 -14.39 -0.66
CA VAL A 286 -17.85 -14.93 0.63
C VAL A 286 -16.62 -15.13 1.51
N ILE A 287 -16.66 -14.54 2.70
CA ILE A 287 -15.68 -14.85 3.73
C ILE A 287 -16.41 -15.60 4.83
N LEU A 288 -15.82 -16.71 5.24
CA LEU A 288 -16.37 -17.57 6.27
C LEU A 288 -15.60 -17.35 7.55
N THR A 289 -16.31 -17.06 8.63
CA THR A 289 -15.64 -16.76 9.89
C THR A 289 -16.44 -17.22 11.11
N MET A 290 -15.90 -16.90 12.28
CA MET A 290 -16.46 -17.32 13.55
CA MET A 290 -16.46 -17.30 13.56
C MET A 290 -16.59 -16.10 14.46
N GLY A 291 -17.60 -16.09 15.32
CA GLY A 291 -17.73 -15.02 16.28
C GLY A 291 -16.53 -15.07 17.21
N ALA A 292 -15.88 -13.93 17.40
CA ALA A 292 -14.68 -13.86 18.23
C ALA A 292 -14.94 -14.25 19.67
N ASN A 293 -16.11 -13.86 20.18
CA ASN A 293 -16.47 -14.11 21.57
C ASN A 293 -17.43 -15.29 21.71
N SER A 294 -17.45 -16.11 20.68
CA SER A 294 -18.27 -17.32 20.66
C SER A 294 -17.75 -18.31 21.70
N ARG A 295 -18.62 -19.16 22.23
CA ARG A 295 -18.23 -20.11 23.26
C ARG A 295 -18.26 -21.56 22.79
N HIS A 296 -18.44 -21.77 21.48
CA HIS A 296 -18.38 -23.11 20.90
C HIS A 296 -17.38 -23.20 19.76
N LYS A 297 -16.20 -22.63 19.94
CA LYS A 297 -15.29 -22.50 18.80
C LYS A 297 -14.82 -23.86 18.29
N GLU A 298 -14.66 -24.84 19.17
CA GLU A 298 -14.20 -26.14 18.73
C GLU A 298 -15.20 -26.76 17.75
N GLN A 299 -16.49 -26.65 18.07
CA GLN A 299 -17.53 -27.24 17.23
C GLN A 299 -17.75 -26.41 15.96
N SER A 300 -17.71 -25.10 16.10
CA SER A 300 -17.83 -24.20 14.96
C SER A 300 -16.72 -24.48 13.95
N MET A 301 -15.50 -24.69 14.42
CA MET A 301 -14.38 -24.93 13.54
C MET A 301 -14.55 -26.24 12.78
N ARG A 302 -15.21 -27.21 13.39
CA ARG A 302 -15.44 -28.47 12.70
C ARG A 302 -16.36 -28.25 11.50
N PHE A 303 -17.40 -27.45 11.68
CA PHE A 303 -18.30 -27.11 10.59
C PHE A 303 -17.56 -26.30 9.53
N ILE A 304 -16.71 -25.37 9.96
CA ILE A 304 -15.95 -24.55 9.02
C ILE A 304 -14.97 -25.42 8.23
N ARG A 305 -14.28 -26.34 8.89
CA ARG A 305 -13.37 -27.24 8.15
C ARG A 305 -14.13 -28.09 7.14
N PHE A 306 -15.36 -28.45 7.46
CA PHE A 306 -16.22 -29.18 6.52
C PHE A 306 -16.54 -28.32 5.30
N LEU A 307 -16.95 -27.08 5.53
CA LEU A 307 -17.25 -26.16 4.43
C LEU A 307 -16.02 -25.85 3.57
N MET A 308 -14.84 -25.83 4.21
CA MET A 308 -13.61 -25.46 3.52
C MET A 308 -12.91 -26.66 2.87
N SER A 309 -13.55 -27.81 2.89
CA SER A 309 -13.02 -28.99 2.21
C SER A 309 -13.23 -28.83 0.70
N LYS A 310 -12.28 -29.35 -0.07
CA LYS A 310 -12.31 -29.24 -1.52
C LYS A 310 -13.65 -29.64 -2.13
N LYS A 311 -14.24 -30.74 -1.64
CA LYS A 311 -15.50 -31.20 -2.21
C LYS A 311 -16.61 -30.17 -2.04
N GLN A 312 -16.68 -29.58 -0.84
CA GLN A 312 -17.72 -28.59 -0.58
C GLN A 312 -17.44 -27.30 -1.37
N LEU A 313 -16.18 -26.87 -1.39
CA LEU A 313 -15.79 -25.64 -2.09
C LEU A 313 -16.15 -25.72 -3.57
N GLU A 314 -15.84 -26.86 -4.20
CA GLU A 314 -16.08 -27.00 -5.63
C GLU A 314 -17.55 -27.23 -5.94
N ASN A 315 -18.27 -27.90 -5.05
CA ASN A 315 -19.72 -28.01 -5.21
C ASN A 315 -20.38 -26.64 -5.09
N TYR A 316 -19.92 -25.84 -4.14
CA TYR A 316 -20.42 -24.48 -4.02
C TYR A 316 -20.09 -23.70 -5.29
N ALA A 317 -18.87 -23.84 -5.77
CA ALA A 317 -18.45 -23.09 -6.95
C ALA A 317 -19.31 -23.45 -8.15
N ASP A 318 -19.62 -24.73 -8.30
CA ASP A 318 -20.46 -25.20 -9.40
C ASP A 318 -21.86 -24.63 -9.31
N ALA A 319 -22.40 -24.60 -8.10
CA ALA A 319 -23.75 -24.14 -7.87
C ALA A 319 -23.88 -22.63 -8.07
N GLN A 320 -22.84 -21.89 -7.73
CA GLN A 320 -22.90 -20.43 -7.67
C GLN A 320 -22.01 -19.74 -8.72
N SER A 321 -21.45 -20.53 -9.64
CA SER A 321 -20.55 -20.02 -10.69
C SER A 321 -19.45 -19.13 -10.11
N ALA A 322 -18.82 -19.64 -9.06
CA ALA A 322 -17.83 -18.89 -8.32
C ALA A 322 -16.44 -19.46 -8.55
N ILE A 323 -15.46 -18.84 -7.89
CA ILE A 323 -14.05 -19.23 -8.01
C ILE A 323 -13.59 -19.76 -6.65
N THR A 324 -13.03 -20.97 -6.61
CA THR A 324 -12.64 -21.53 -5.32
C THR A 324 -11.42 -20.78 -4.78
N PRO A 325 -11.21 -20.84 -3.45
CA PRO A 325 -10.12 -20.14 -2.77
C PRO A 325 -8.86 -20.97 -2.58
N LEU A 326 -8.86 -22.20 -3.10
CA LEU A 326 -7.70 -23.08 -2.94
C LEU A 326 -6.57 -22.65 -3.87
N LYS A 327 -5.35 -23.03 -3.53
CA LYS A 327 -4.17 -22.64 -4.29
C LYS A 327 -4.32 -23.03 -5.75
N GLU A 328 -4.84 -24.23 -6.00
CA GLU A 328 -5.19 -24.66 -7.35
C GLU A 328 -6.63 -24.23 -7.64
N THR A 329 -6.76 -23.10 -8.31
CA THR A 329 -8.06 -22.50 -8.56
C THR A 329 -8.96 -23.38 -9.41
N TYR A 330 -10.22 -23.47 -9.01
CA TYR A 330 -11.26 -24.14 -9.77
C TYR A 330 -12.32 -23.12 -10.14
N PHE A 331 -12.72 -23.12 -11.41
CA PHE A 331 -13.76 -22.23 -11.91
C PHE A 331 -15.07 -22.99 -12.07
N GLY A 332 -16.13 -22.48 -11.42
CA GLY A 332 -17.37 -23.22 -11.28
C GLY A 332 -18.27 -23.23 -12.50
N ASN A 333 -17.91 -22.48 -13.54
CA ASN A 333 -18.72 -22.39 -14.73
C ASN A 333 -17.82 -22.08 -15.92
N LYS A 334 -18.03 -22.77 -17.04
CA LYS A 334 -17.19 -22.54 -18.21
C LYS A 334 -17.48 -21.16 -18.80
N ALA A 335 -18.54 -20.52 -18.32
CA ALA A 335 -18.82 -19.14 -18.71
C ALA A 335 -17.67 -18.22 -18.29
N LEU A 336 -16.91 -18.64 -17.28
CA LEU A 336 -15.82 -17.83 -16.74
C LEU A 336 -14.52 -17.95 -17.54
N GLU A 337 -14.46 -18.82 -18.54
CA GLU A 337 -13.21 -19.01 -19.29
C GLU A 337 -12.60 -17.72 -19.89
N PRO A 338 -13.43 -16.80 -20.43
CA PRO A 338 -12.85 -15.56 -20.97
C PRO A 338 -12.11 -14.68 -19.96
N VAL A 339 -12.26 -14.92 -18.66
CA VAL A 339 -11.52 -14.10 -17.68
C VAL A 339 -10.45 -14.93 -16.98
N ARG A 340 -10.34 -16.21 -17.30
CA ARG A 340 -9.28 -17.03 -16.73
C ARG A 340 -7.90 -16.38 -16.92
N PRO A 341 -7.64 -15.79 -18.10
CA PRO A 341 -6.33 -15.15 -18.31
C PRO A 341 -5.99 -14.05 -17.29
N PHE A 342 -7.00 -13.31 -16.84
CA PHE A 342 -6.76 -12.24 -15.88
C PHE A 342 -6.31 -12.82 -14.56
N PHE A 343 -6.92 -13.93 -14.15
CA PHE A 343 -6.56 -14.57 -12.89
C PHE A 343 -5.18 -15.21 -12.96
N GLU A 344 -4.90 -15.93 -14.03
CA GLU A 344 -3.59 -16.57 -14.21
C GLU A 344 -2.45 -15.54 -14.18
N SER A 345 -2.70 -14.37 -14.76
CA SER A 345 -1.65 -13.36 -14.87
C SER A 345 -1.66 -12.37 -13.70
N ASN A 346 -2.59 -12.56 -12.77
CA ASN A 346 -2.75 -11.66 -11.61
C ASN A 346 -3.05 -10.23 -12.04
N ARG A 347 -3.71 -10.08 -13.19
CA ARG A 347 -4.16 -8.76 -13.61
C ARG A 347 -5.57 -8.53 -13.05
N VAL A 348 -5.63 -8.40 -11.72
CA VAL A 348 -6.87 -8.18 -11.01
C VAL A 348 -6.76 -6.96 -10.08
N ALA A 349 -7.91 -6.46 -9.63
CA ALA A 349 -7.93 -5.31 -8.73
C ALA A 349 -9.11 -5.38 -7.77
N ASP A 350 -8.98 -4.68 -6.65
CA ASP A 350 -10.05 -4.56 -5.66
C ASP A 350 -11.27 -3.84 -6.20
N PHE A 351 -12.43 -4.16 -5.64
CA PHE A 351 -13.62 -3.35 -5.83
C PHE A 351 -13.36 -1.96 -5.27
N CYS A 352 -13.65 -0.94 -6.06
CA CYS A 352 -13.42 0.43 -5.59
C CYS A 352 -14.29 0.80 -4.40
N ASP A 353 -15.47 0.20 -4.27
CA ASP A 353 -16.35 0.60 -3.17
C ASP A 353 -15.95 -0.07 -1.86
N HIS A 354 -14.92 -0.93 -1.88
CA HIS A 354 -14.33 -1.45 -0.65
C HIS A 354 -13.53 -0.38 0.08
N TYR A 355 -13.35 0.77 -0.57
CA TYR A 355 -12.68 1.93 0.02
C TYR A 355 -13.66 3.00 0.46
N ILE A 356 -14.95 2.78 0.21
CA ILE A 356 -15.98 3.75 0.54
C ILE A 356 -16.72 3.35 1.82
N PRO A 357 -16.64 4.19 2.87
CA PRO A 357 -17.38 3.90 4.11
C PRO A 357 -18.84 3.54 3.89
N SER A 358 -19.30 2.51 4.59
CA SER A 358 -20.66 2.00 4.43
C SER A 358 -21.71 3.05 4.71
N SER A 359 -21.38 4.02 5.55
CA SER A 359 -22.32 5.08 5.91
C SER A 359 -22.61 6.03 4.75
N ILE A 360 -21.76 6.02 3.72
CA ILE A 360 -21.99 6.87 2.54
C ILE A 360 -22.87 6.11 1.54
N ASN A 361 -24.05 6.64 1.25
CA ASN A 361 -24.98 5.94 0.37
C ASN A 361 -24.59 6.10 -1.10
N ILE A 362 -23.46 5.50 -1.47
CA ILE A 362 -22.95 5.64 -2.84
C ILE A 362 -23.93 5.08 -3.85
N GLY A 363 -24.63 4.00 -3.48
CA GLY A 363 -25.61 3.38 -4.36
C GLY A 363 -26.71 4.33 -4.76
N GLY A 364 -27.26 5.03 -3.77
CA GLY A 364 -28.28 6.04 -4.03
C GLY A 364 -27.78 7.15 -4.91
N TYR A 365 -26.56 7.64 -4.64
CA TYR A 365 -26.01 8.73 -5.41
C TYR A 365 -25.77 8.33 -6.87
N LEU A 366 -25.29 7.11 -7.06
CA LEU A 366 -24.96 6.60 -8.38
C LEU A 366 -26.22 6.40 -9.20
N GLN A 367 -27.21 5.77 -8.57
CA GLN A 367 -28.52 5.56 -9.16
C GLN A 367 -29.07 6.88 -9.69
N SER A 368 -28.98 7.92 -8.88
CA SER A 368 -29.47 9.24 -9.27
CA SER A 368 -29.47 9.24 -9.27
C SER A 368 -28.68 9.80 -10.44
N ALA A 369 -27.37 9.66 -10.38
CA ALA A 369 -26.49 10.20 -11.43
C ALA A 369 -26.74 9.53 -12.78
N ILE A 370 -26.99 8.22 -12.77
CA ILE A 370 -27.28 7.50 -14.00
C ILE A 370 -28.62 7.94 -14.60
N MET A 371 -29.57 8.23 -13.72
N MET A 371 -29.59 8.25 -13.75
N MET A 371 -29.58 8.26 -13.74
CA MET A 371 -30.90 8.68 -14.13
CA MET A 371 -30.90 8.67 -14.23
CA MET A 371 -30.90 8.66 -14.21
C MET A 371 -30.85 10.08 -14.73
C MET A 371 -30.89 10.10 -14.73
C MET A 371 -30.90 10.10 -14.71
N SER A 372 -30.15 10.97 -14.05
CA SER A 372 -30.08 12.39 -14.43
C SER A 372 -28.95 12.70 -15.41
N GLY A 373 -27.91 11.87 -15.39
CA GLY A 373 -26.71 12.15 -16.15
C GLY A 373 -25.83 13.22 -15.52
N ASN A 374 -26.16 13.65 -14.31
CA ASN A 374 -25.42 14.73 -13.65
C ASN A 374 -24.14 14.20 -12.95
N VAL A 375 -23.07 14.11 -13.72
CA VAL A 375 -21.78 13.64 -13.23
C VAL A 375 -21.23 14.50 -12.09
N ASN A 376 -21.25 15.83 -12.28
CA ASN A 376 -20.63 16.72 -11.32
C ASN A 376 -21.30 16.66 -9.94
N GLN A 377 -22.61 16.45 -9.91
CA GLN A 377 -23.30 16.37 -8.62
C GLN A 377 -22.92 15.09 -7.90
N PHE A 378 -22.74 14.00 -8.65
CA PHE A 378 -22.28 12.76 -8.04
C PHE A 378 -20.91 12.96 -7.40
N ILE A 379 -19.99 13.51 -8.18
CA ILE A 379 -18.61 13.70 -7.73
C ILE A 379 -18.56 14.61 -6.50
N ASP A 380 -19.28 15.73 -6.52
CA ASP A 380 -19.25 16.67 -5.41
C ASP A 380 -19.92 16.09 -4.16
N SER A 381 -20.98 15.31 -4.35
CA SER A 381 -21.66 14.67 -3.23
C SER A 381 -20.74 13.65 -2.56
N MET A 382 -20.07 12.83 -3.37
CA MET A 382 -19.10 11.88 -2.84
C MET A 382 -17.99 12.59 -2.07
N GLN A 383 -17.53 13.72 -2.60
CA GLN A 383 -16.43 14.45 -1.96
C GLN A 383 -16.88 15.03 -0.62
N ASN A 384 -18.08 15.60 -0.62
CA ASN A 384 -18.67 16.15 0.60
C ASN A 384 -18.82 15.07 1.69
N GLU A 385 -19.40 13.95 1.32
CA GLU A 385 -19.62 12.85 2.26
C GLU A 385 -18.30 12.30 2.80
N TRP A 386 -17.33 12.18 1.90
CA TRP A 386 -16.01 11.66 2.21
C TRP A 386 -15.29 12.55 3.21
N ASN A 387 -15.29 13.86 2.95
CA ASN A 387 -14.63 14.82 3.81
C ASN A 387 -15.20 14.79 5.23
N LYS A 388 -16.52 14.62 5.34
CA LYS A 388 -17.14 14.60 6.65
C LYS A 388 -16.75 13.34 7.42
N VAL A 389 -16.61 12.21 6.72
CA VAL A 389 -16.20 10.96 7.38
C VAL A 389 -14.74 11.04 7.83
N GLN A 390 -13.88 11.55 6.95
CA GLN A 390 -12.45 11.55 7.22
C GLN A 390 -12.07 12.57 8.29
N ALA A 391 -12.95 13.56 8.51
CA ALA A 391 -12.71 14.58 9.51
C ALA A 391 -14.01 14.97 10.22
N GLN B 8 26.23 -10.09 37.51
CA GLN B 8 26.15 -9.15 36.39
C GLN B 8 26.21 -9.88 35.06
N VAL B 9 25.75 -9.19 34.00
CA VAL B 9 25.86 -9.70 32.63
C VAL B 9 26.55 -8.67 31.75
N THR B 10 27.02 -9.11 30.60
CA THR B 10 27.63 -8.23 29.60
C THR B 10 26.80 -8.31 28.33
N LEU B 11 26.19 -7.19 27.97
CA LEU B 11 25.41 -7.11 26.73
C LEU B 11 26.29 -6.73 25.55
N ASP B 12 26.03 -7.33 24.40
CA ASP B 12 26.61 -6.88 23.14
C ASP B 12 25.68 -5.87 22.49
N PHE B 13 26.22 -4.69 22.23
CA PHE B 13 25.47 -3.58 21.64
C PHE B 13 26.08 -3.34 20.26
N PHE B 14 25.36 -3.77 19.22
CA PHE B 14 25.74 -3.47 17.84
C PHE B 14 25.22 -2.09 17.49
N GLN B 15 26.14 -1.19 17.13
CA GLN B 15 25.78 0.20 16.90
C GLN B 15 26.25 0.59 15.50
N PHE B 16 25.29 0.81 14.60
CA PHE B 16 25.61 0.97 13.18
C PHE B 16 26.19 2.33 12.80
N LYS B 17 25.82 3.39 13.53
CA LYS B 17 26.00 4.75 13.05
C LYS B 17 27.37 5.35 13.42
N ALA B 18 28.23 5.53 12.42
CA ALA B 18 29.57 6.08 12.65
C ALA B 18 29.50 7.52 13.17
N GLU B 19 28.57 8.31 12.63
CA GLU B 19 28.45 9.72 12.99
C GLU B 19 28.06 9.94 14.46
N ALA B 20 27.54 8.89 15.08
CA ALA B 20 27.01 8.98 16.44
C ALA B 20 27.77 8.07 17.40
N ALA B 21 28.97 7.64 17.00
CA ALA B 21 29.76 6.71 17.80
C ALA B 21 29.97 7.21 19.23
N ASP B 22 30.40 8.47 19.37
CA ASP B 22 30.68 8.98 20.70
C ASP B 22 29.42 9.14 21.55
N TRP B 23 28.31 9.53 20.93
CA TRP B 23 27.08 9.69 21.68
C TRP B 23 26.65 8.38 22.31
N PHE B 24 26.63 7.31 21.53
CA PHE B 24 26.18 6.02 22.05
C PHE B 24 27.19 5.47 23.04
N LYS B 25 28.47 5.77 22.85
CA LYS B 25 29.51 5.36 23.79
C LYS B 25 29.25 5.97 25.16
N GLN B 26 28.97 7.27 25.19
CA GLN B 26 28.73 7.95 26.45
C GLN B 26 27.41 7.55 27.08
N ALA B 27 26.42 7.23 26.25
CA ALA B 27 25.11 6.87 26.76
C ALA B 27 25.15 5.49 27.42
N ALA B 28 25.92 4.59 26.82
CA ALA B 28 26.14 3.27 27.38
C ALA B 28 26.84 3.39 28.74
N GLN B 29 27.82 4.27 28.84
CA GLN B 29 28.54 4.45 30.09
C GLN B 29 27.66 5.11 31.15
N GLU B 30 26.84 6.07 30.74
CA GLU B 30 25.88 6.70 31.62
C GLU B 30 24.90 5.65 32.20
N PHE B 31 24.46 4.74 31.34
CA PHE B 31 23.55 3.68 31.78
C PHE B 31 24.24 2.72 32.75
N GLU B 32 25.49 2.36 32.44
CA GLU B 32 26.24 1.43 33.27
C GLU B 32 26.40 1.94 34.71
N LYS B 33 26.55 3.25 34.87
CA LYS B 33 26.75 3.83 36.18
C LYS B 33 25.48 3.75 37.04
N GLU B 34 24.34 3.64 36.39
CA GLU B 34 23.07 3.47 37.08
C GLU B 34 22.72 2.00 37.26
N ASN B 35 23.47 1.12 36.60
CA ASN B 35 23.16 -0.30 36.57
C ASN B 35 24.41 -1.17 36.67
N PRO B 36 24.97 -1.27 37.88
CA PRO B 36 26.18 -2.07 38.14
C PRO B 36 26.07 -3.52 37.68
N ASP B 37 24.86 -4.06 37.59
CA ASP B 37 24.66 -5.45 37.18
C ASP B 37 24.68 -5.62 35.66
N ILE B 38 24.94 -4.54 34.93
CA ILE B 38 24.97 -4.60 33.47
C ILE B 38 26.18 -3.88 32.91
N ARG B 39 26.98 -4.63 32.14
CA ARG B 39 28.05 -4.07 31.33
C ARG B 39 27.61 -4.06 29.88
N ILE B 40 28.02 -3.02 29.16
CA ILE B 40 27.69 -2.91 27.75
C ILE B 40 28.98 -2.90 26.93
N ASN B 41 29.09 -3.86 26.03
CA ASN B 41 30.19 -3.88 25.06
C ASN B 41 29.70 -3.42 23.70
N ILE B 42 30.23 -2.30 23.24
CA ILE B 42 29.81 -1.75 21.94
C ILE B 42 30.68 -2.25 20.81
N ASN B 43 30.05 -2.86 19.81
CA ASN B 43 30.66 -3.08 18.51
C ASN B 43 30.25 -1.96 17.54
N LEU B 52 27.19 -9.12 7.75
CA LEU B 52 26.13 -8.90 8.73
C LEU B 52 25.34 -10.18 8.98
N ARG B 53 25.14 -10.96 7.92
CA ARG B 53 24.47 -12.25 8.04
C ARG B 53 25.11 -13.10 9.14
N THR B 54 26.42 -12.95 9.31
CA THR B 54 27.18 -13.75 10.26
C THR B 54 27.05 -13.24 11.70
N ARG B 55 27.11 -11.93 11.89
CA ARG B 55 26.98 -11.33 13.22
C ARG B 55 25.56 -11.56 13.79
N PHE B 56 24.57 -11.67 12.92
CA PHE B 56 23.18 -11.81 13.34
C PHE B 56 22.71 -13.27 13.35
N VAL B 57 23.65 -14.21 13.19
CA VAL B 57 23.32 -15.63 13.34
C VAL B 57 22.71 -15.84 14.72
N LYS B 58 21.70 -16.70 14.77
CA LYS B 58 20.91 -16.96 15.98
C LYS B 58 21.75 -17.06 17.27
N ASP B 59 22.79 -17.89 17.25
CA ASP B 59 23.51 -18.20 18.48
C ASP B 59 24.40 -17.06 18.99
N ARG B 60 24.66 -16.05 18.18
CA ARG B 60 25.52 -14.93 18.59
C ARG B 60 24.90 -13.56 18.36
N VAL B 61 23.58 -13.52 18.19
CA VAL B 61 22.93 -12.26 17.85
C VAL B 61 23.17 -11.24 18.96
N PRO B 62 23.48 -9.98 18.60
CA PRO B 62 23.65 -8.96 19.62
C PRO B 62 22.39 -8.75 20.45
N ASP B 63 22.58 -8.31 21.69
CA ASP B 63 21.48 -8.04 22.59
C ASP B 63 20.72 -6.78 22.22
N VAL B 64 21.45 -5.66 22.05
CA VAL B 64 20.86 -4.40 21.63
C VAL B 64 21.46 -3.99 20.29
N ILE B 65 20.63 -3.42 19.42
CA ILE B 65 20.99 -3.17 18.03
C ILE B 65 20.43 -1.81 17.59
N THR B 66 21.28 -0.95 17.03
CA THR B 66 20.77 0.17 16.22
C THR B 66 20.98 -0.17 14.77
N PHE B 67 20.04 0.23 13.94
CA PHE B 67 20.07 -0.08 12.53
C PHE B 67 19.41 1.05 11.78
N ASN B 68 19.93 1.36 10.60
CA ASN B 68 19.25 2.30 9.71
C ASN B 68 17.96 1.65 9.22
N GLY B 69 16.89 2.43 9.13
CA GLY B 69 15.61 1.90 8.66
C GLY B 69 15.54 1.83 7.15
N ASP B 70 16.16 0.80 6.58
CA ASP B 70 16.14 0.60 5.14
C ASP B 70 15.80 -0.85 4.76
N TYR B 71 16.01 -1.20 3.50
CA TYR B 71 15.64 -2.52 2.99
C TYR B 71 16.26 -3.64 3.80
N SER B 72 17.53 -3.47 4.15
CA SER B 72 18.25 -4.48 4.91
C SER B 72 17.61 -4.68 6.29
N PHE B 73 17.26 -3.58 6.96
CA PHE B 73 16.51 -3.72 8.22
C PHE B 73 15.29 -4.61 8.00
N GLY B 74 14.57 -4.33 6.91
CA GLY B 74 13.33 -5.01 6.59
C GLY B 74 13.52 -6.47 6.27
N THR B 75 14.65 -6.80 5.66
CA THR B 75 14.98 -8.18 5.33
C THR B 75 15.31 -8.97 6.59
N PHE B 76 16.13 -8.41 7.46
CA PHE B 76 16.46 -9.06 8.72
C PHE B 76 15.21 -9.16 9.61
N ALA B 77 14.33 -8.17 9.55
CA ALA B 77 13.10 -8.20 10.32
C ALA B 77 12.20 -9.35 9.86
N ALA B 78 12.07 -9.50 8.55
CA ALA B 78 11.25 -10.58 7.99
C ALA B 78 11.79 -11.96 8.32
N SER B 79 13.12 -12.06 8.51
CA SER B 79 13.77 -13.34 8.78
CA SER B 79 13.74 -13.36 8.76
C SER B 79 13.75 -13.71 10.25
N GLY B 80 13.28 -12.80 11.10
CA GLY B 80 13.13 -13.09 12.51
C GLY B 80 14.37 -12.83 13.37
N VAL B 81 15.30 -12.01 12.88
CA VAL B 81 16.49 -11.65 13.65
C VAL B 81 16.16 -10.76 14.84
N PHE B 82 15.12 -9.93 14.70
CA PHE B 82 14.80 -8.90 15.68
C PHE B 82 13.57 -9.21 16.53
N HIS B 83 13.62 -8.77 17.78
CA HIS B 83 12.49 -8.87 18.69
C HIS B 83 11.25 -8.18 18.16
N ASP B 84 10.09 -8.81 18.38
CA ASP B 84 8.80 -8.24 17.98
C ASP B 84 8.30 -7.27 19.05
N PHE B 85 8.30 -5.98 18.72
CA PHE B 85 7.88 -4.90 19.61
C PHE B 85 6.43 -4.44 19.44
N THR B 86 5.66 -5.13 18.61
CA THR B 86 4.38 -4.59 18.13
C THR B 86 3.46 -4.03 19.21
N ASP B 87 3.28 -4.76 20.31
CA ASP B 87 2.34 -4.34 21.35
C ASP B 87 3.03 -3.65 22.53
N ASP B 88 4.33 -3.41 22.41
CA ASP B 88 5.13 -2.92 23.52
C ASP B 88 4.64 -1.58 24.07
N PRO B 89 4.67 -1.40 25.40
CA PRO B 89 4.26 -0.15 26.06
C PRO B 89 4.91 1.12 25.51
N LEU B 90 6.17 1.03 25.11
CA LEU B 90 6.92 2.19 24.61
C LEU B 90 6.30 2.80 23.35
N VAL B 91 5.65 1.97 22.54
CA VAL B 91 5.14 2.42 21.24
C VAL B 91 4.04 3.48 21.36
N SER B 92 3.32 3.48 22.48
CA SER B 92 2.15 4.35 22.60
C SER B 92 2.54 5.83 22.56
N GLU B 93 3.78 6.12 22.94
CA GLU B 93 4.29 7.48 22.99
C GLU B 93 4.88 7.98 21.66
N LEU B 94 4.97 7.10 20.68
CA LEU B 94 5.71 7.39 19.46
C LEU B 94 4.85 7.87 18.29
N ASN B 95 5.42 8.81 17.53
CA ASN B 95 4.96 9.24 16.22
C ASN B 95 4.44 8.06 15.39
N GLU B 96 3.15 8.06 15.09
CA GLU B 96 2.54 6.91 14.41
C GLU B 96 3.08 6.73 12.99
N GLY B 97 3.35 7.85 12.32
CA GLY B 97 3.93 7.78 10.98
C GLY B 97 5.28 7.08 11.02
N MET B 98 6.08 7.39 12.03
CA MET B 98 7.41 6.80 12.15
C MET B 98 7.32 5.32 12.54
N VAL B 99 6.35 4.97 13.37
CA VAL B 99 6.11 3.56 13.68
C VAL B 99 5.66 2.83 12.42
N ASN B 100 4.76 3.43 11.65
CA ASN B 100 4.28 2.77 10.45
C ASN B 100 5.36 2.61 9.38
N ILE B 101 6.30 3.54 9.33
CA ILE B 101 7.44 3.38 8.42
C ILE B 101 8.24 2.13 8.77
N ALA B 102 8.52 1.93 10.06
CA ALA B 102 9.27 0.75 10.49
C ALA B 102 8.50 -0.53 10.16
N LYS B 103 7.19 -0.52 10.36
CA LYS B 103 6.36 -1.70 10.06
C LYS B 103 6.35 -2.02 8.56
N ASN B 104 6.26 -0.99 7.73
CA ASN B 104 6.17 -1.18 6.29
C ASN B 104 7.51 -1.54 5.65
N LEU B 105 8.60 -1.44 6.41
CA LEU B 105 9.91 -1.84 5.91
C LEU B 105 10.05 -3.35 5.82
N VAL B 106 9.24 -4.09 6.59
CA VAL B 106 9.39 -5.54 6.63
C VAL B 106 9.19 -6.12 5.23
N GLN B 107 10.17 -6.92 4.77
CA GLN B 107 10.16 -7.40 3.40
C GLN B 107 9.38 -8.70 3.31
N THR B 108 8.07 -8.54 3.20
CA THR B 108 7.14 -9.65 3.13
C THR B 108 5.97 -9.26 2.23
N SER B 109 5.36 -10.24 1.59
CA SER B 109 4.16 -10.01 0.79
C SER B 109 2.89 -10.23 1.61
N ASP B 110 3.07 -10.64 2.86
CA ASP B 110 1.96 -10.95 3.77
C ASP B 110 1.63 -9.73 4.64
N PRO B 111 0.45 -9.11 4.42
CA PRO B 111 0.14 -7.90 5.21
C PRO B 111 0.23 -8.12 6.72
N ALA B 112 -0.16 -9.29 7.20
CA ALA B 112 -0.20 -9.55 8.65
C ALA B 112 1.20 -9.69 9.25
N LYS B 113 2.22 -9.74 8.39
CA LYS B 113 3.60 -9.90 8.84
C LYS B 113 4.36 -8.57 8.88
N LYS B 114 3.67 -7.48 8.55
CA LYS B 114 4.20 -6.13 8.68
C LYS B 114 4.15 -5.67 10.13
N ARG B 115 4.90 -6.35 10.98
CA ARG B 115 4.88 -6.08 12.41
C ARG B 115 6.05 -5.17 12.78
N LEU B 116 6.08 -4.71 14.03
CA LEU B 116 7.10 -3.76 14.47
C LEU B 116 8.29 -4.50 15.10
N TYR B 117 9.43 -4.43 14.43
CA TYR B 117 10.61 -5.20 14.85
C TYR B 117 11.73 -4.31 15.38
N GLY B 118 11.34 -3.13 15.84
CA GLY B 118 12.25 -2.20 16.45
C GLY B 118 11.52 -0.91 16.74
N LEU B 119 12.13 -0.06 17.54
CA LEU B 119 11.53 1.22 17.89
C LEU B 119 12.19 2.35 17.13
N PRO B 120 11.40 3.20 16.48
CA PRO B 120 12.01 4.39 15.87
C PRO B 120 12.67 5.23 16.95
N PHE B 121 13.94 5.55 16.74
CA PHE B 121 14.75 6.26 17.74
C PHE B 121 15.09 7.68 17.25
N ALA B 122 15.24 7.85 15.95
CA ALA B 122 15.57 9.17 15.39
C ALA B 122 15.15 9.23 13.93
N GLY B 123 14.60 10.37 13.53
CA GLY B 123 14.20 10.58 12.15
C GLY B 123 15.21 11.41 11.39
N ASN B 124 15.21 11.27 10.06
CA ASN B 124 16.01 12.11 9.19
C ASN B 124 15.14 12.77 8.12
N ALA B 125 15.76 13.60 7.30
CA ALA B 125 15.19 14.02 6.02
C ALA B 125 16.30 14.09 4.99
N SER B 126 15.92 13.98 3.73
CA SER B 126 16.85 14.10 2.62
C SER B 126 16.55 15.40 1.86
N GLY B 127 17.59 16.12 1.50
CA GLY B 127 17.43 17.33 0.72
C GLY B 127 18.80 17.92 0.51
N TYR B 128 18.99 19.13 1.00
CA TYR B 128 20.34 19.68 1.01
C TYR B 128 20.56 20.61 2.19
N ILE B 129 21.81 20.60 2.64
CA ILE B 129 22.31 21.47 3.69
C ILE B 129 22.93 22.68 3.02
N TYR B 130 22.63 23.88 3.52
CA TYR B 130 23.16 25.09 2.88
C TYR B 130 23.72 26.08 3.88
N ASN B 131 24.68 26.85 3.40
CA ASN B 131 25.36 27.87 4.17
C ASN B 131 24.54 29.15 4.10
N LYS B 132 23.97 29.56 5.23
CA LYS B 132 23.08 30.71 5.26
C LYS B 132 23.82 31.99 4.91
N ASP B 133 25.09 32.09 5.31
CA ASP B 133 25.87 33.29 5.04
C ASP B 133 26.14 33.46 3.55
N LEU B 134 26.31 32.34 2.84
CA LEU B 134 26.55 32.40 1.41
C LEU B 134 25.25 32.73 0.68
N PHE B 135 24.15 32.20 1.15
CA PHE B 135 22.84 32.63 0.68
C PHE B 135 22.72 34.15 0.78
N ARG B 136 23.06 34.68 1.95
CA ARG B 136 22.94 36.12 2.18
C ARG B 136 23.85 36.90 1.24
N LYS B 137 25.05 36.37 1.00
CA LYS B 137 26.03 37.06 0.17
C LYS B 137 25.53 37.31 -1.24
N VAL B 138 24.77 36.37 -1.80
CA VAL B 138 24.23 36.53 -3.15
C VAL B 138 22.76 36.98 -3.12
N GLY B 139 22.33 37.52 -2.00
CA GLY B 139 21.02 38.14 -1.90
C GLY B 139 19.84 37.17 -1.83
N LEU B 140 20.08 35.95 -1.36
CA LEU B 140 19.01 34.96 -1.20
C LEU B 140 18.48 34.95 0.22
N ASP B 141 17.21 34.60 0.39
CA ASP B 141 16.58 34.56 1.71
C ASP B 141 16.90 33.23 2.39
N PRO B 142 17.72 33.26 3.45
CA PRO B 142 18.15 32.00 4.08
C PRO B 142 17.04 31.24 4.79
N ASP B 143 15.90 31.89 5.02
CA ASP B 143 14.78 31.26 5.72
C ASP B 143 13.73 30.73 4.75
N ASN B 144 13.82 31.16 3.50
CA ASN B 144 12.86 30.75 2.47
C ASN B 144 13.56 30.25 1.22
N PRO B 145 14.12 29.03 1.30
CA PRO B 145 14.86 28.47 0.17
C PRO B 145 13.96 28.18 -1.03
N PRO B 146 14.55 27.91 -2.20
CA PRO B 146 13.82 27.66 -3.46
C PRO B 146 12.67 26.67 -3.34
N GLN B 147 11.55 26.97 -3.99
CA GLN B 147 10.35 26.14 -3.92
C GLN B 147 10.13 25.33 -5.20
N THR B 148 10.88 25.68 -6.25
CA THR B 148 10.73 25.01 -7.54
C THR B 148 12.09 24.64 -8.12
N TRP B 149 12.09 23.68 -9.04
CA TRP B 149 13.31 23.27 -9.72
C TRP B 149 14.00 24.44 -10.41
N ASP B 150 13.23 25.29 -11.08
CA ASP B 150 13.79 26.45 -11.78
C ASP B 150 14.44 27.44 -10.80
N GLU B 151 13.81 27.68 -9.66
CA GLU B 151 14.39 28.55 -8.64
C GLU B 151 15.65 27.95 -8.03
N PHE B 152 15.66 26.63 -7.92
CA PHE B 152 16.79 25.89 -7.36
C PHE B 152 17.99 25.98 -8.29
N ILE B 153 17.77 25.73 -9.57
CA ILE B 153 18.85 25.82 -10.55
C ILE B 153 19.34 27.27 -10.67
N ALA B 154 18.40 28.22 -10.64
CA ALA B 154 18.75 29.63 -10.70
C ALA B 154 19.68 29.98 -9.54
N MET B 155 19.40 29.42 -8.37
CA MET B 155 20.24 29.64 -7.19
CA MET B 155 20.23 29.64 -7.19
C MET B 155 21.66 29.14 -7.42
N LEU B 156 21.78 27.94 -7.97
CA LEU B 156 23.09 27.37 -8.22
C LEU B 156 23.87 28.21 -9.24
N LYS B 157 23.18 28.71 -10.25
CA LYS B 157 23.78 29.60 -11.25
C LYS B 157 24.27 30.90 -10.61
N LYS B 158 23.50 31.41 -9.66
N LYS B 158 23.50 31.43 -9.67
CA LYS B 158 23.84 32.63 -8.94
CA LYS B 158 23.89 32.66 -8.98
C LYS B 158 25.18 32.49 -8.22
C LYS B 158 25.22 32.48 -8.26
N PHE B 159 25.39 31.34 -7.61
CA PHE B 159 26.64 31.06 -6.89
C PHE B 159 27.79 30.90 -7.88
N ARG B 160 27.55 30.18 -8.97
CA ARG B 160 28.59 30.00 -9.99
C ARG B 160 29.03 31.37 -10.53
N ASP B 161 28.06 32.23 -10.79
CA ASP B 161 28.36 33.56 -11.33
C ASP B 161 29.17 34.38 -10.33
N ALA B 162 28.97 34.14 -9.04
CA ALA B 162 29.65 34.89 -8.00
C ALA B 162 31.02 34.32 -7.63
N GLY B 163 31.46 33.28 -8.32
CA GLY B 163 32.75 32.67 -8.03
C GLY B 163 32.72 31.69 -6.86
N ILE B 164 31.53 31.31 -6.44
CA ILE B 164 31.36 30.40 -5.31
C ILE B 164 31.03 29.00 -5.83
N ASN B 165 31.68 27.98 -5.26
CA ASN B 165 31.35 26.61 -5.61
C ASN B 165 29.92 26.28 -5.16
N PRO B 166 29.00 26.05 -6.12
CA PRO B 166 27.60 25.84 -5.74
C PRO B 166 27.35 24.56 -4.95
N VAL B 167 27.95 23.45 -5.40
CA VAL B 167 27.65 22.12 -4.88
C VAL B 167 28.91 21.36 -4.50
N GLN B 168 28.91 20.81 -3.29
CA GLN B 168 29.96 19.90 -2.85
C GLN B 168 29.56 18.45 -3.08
N ALA B 169 30.19 17.81 -4.06
CA ALA B 169 29.96 16.39 -4.31
C ALA B 169 30.93 15.56 -3.47
N THR B 170 30.59 14.29 -3.27
CA THR B 170 31.44 13.38 -2.51
C THR B 170 31.39 11.99 -3.16
N LEU B 171 31.76 11.92 -4.43
CA LEU B 171 31.55 10.71 -5.23
C LEU B 171 32.46 9.55 -4.83
N ALA B 172 33.56 9.84 -4.14
CA ALA B 172 34.47 8.77 -3.70
C ALA B 172 33.75 7.79 -2.77
N ASP B 173 32.74 8.27 -2.04
CA ASP B 173 31.87 7.39 -1.27
C ASP B 173 30.53 7.30 -2.00
N ALA B 174 30.38 6.23 -2.77
CA ALA B 174 29.32 6.13 -3.77
C ALA B 174 27.92 6.27 -3.16
N TRP B 175 27.76 5.86 -1.90
CA TRP B 175 26.44 5.89 -1.27
C TRP B 175 25.87 7.30 -1.22
N THR B 176 26.74 8.30 -1.16
CA THR B 176 26.28 9.67 -1.05
C THR B 176 25.53 10.13 -2.29
N THR B 177 25.80 9.51 -3.44
CA THR B 177 25.09 9.85 -4.66
C THR B 177 23.63 9.41 -4.60
N GLN B 178 23.28 8.56 -3.64
CA GLN B 178 21.91 8.09 -3.54
C GLN B 178 21.01 9.14 -2.88
N ALA B 179 21.60 10.11 -2.20
CA ALA B 179 20.82 11.09 -1.45
C ALA B 179 20.03 12.03 -2.38
N PRO B 180 20.70 12.63 -3.39
CA PRO B 180 19.89 13.47 -4.29
C PRO B 180 18.84 12.69 -5.09
N LEU B 181 19.16 11.46 -5.49
CA LEU B 181 18.17 10.61 -6.16
C LEU B 181 16.92 10.45 -5.28
N ALA B 182 17.14 10.10 -4.02
CA ALA B 182 16.04 9.90 -3.08
C ALA B 182 15.29 11.20 -2.84
N SER B 183 16.00 12.31 -2.73
CA SER B 183 15.37 13.61 -2.59
C SER B 183 14.44 13.90 -3.77
N LEU B 184 14.95 13.74 -5.00
CA LEU B 184 14.20 14.04 -6.20
C LEU B 184 13.07 13.04 -6.44
N ALA B 185 13.37 11.75 -6.31
CA ALA B 185 12.38 10.71 -6.54
C ALA B 185 11.20 10.82 -5.58
N GLY B 186 11.43 11.42 -4.42
CA GLY B 186 10.40 11.56 -3.40
C GLY B 186 9.20 12.30 -3.96
N THR B 187 9.49 13.34 -4.74
CA THR B 187 8.47 14.14 -5.37
C THR B 187 8.00 13.52 -6.69
N LEU B 188 8.93 12.95 -7.46
CA LEU B 188 8.64 12.50 -8.82
C LEU B 188 7.98 11.13 -8.91
N VAL B 189 8.28 10.26 -7.94
CA VAL B 189 7.89 8.86 -8.04
C VAL B 189 7.10 8.41 -6.80
N PRO B 190 5.77 8.23 -6.96
CA PRO B 190 4.97 7.70 -5.85
C PRO B 190 5.44 6.31 -5.44
N GLU B 191 5.36 6.01 -4.15
CA GLU B 191 5.84 4.74 -3.62
C GLU B 191 5.16 3.55 -4.29
N SER B 192 3.93 3.75 -4.76
CA SER B 192 3.17 2.68 -5.40
C SER B 192 3.84 2.15 -6.68
N GLU B 193 4.67 2.97 -7.31
CA GLU B 193 5.33 2.54 -8.54
C GLU B 193 6.30 1.38 -8.32
N TYR B 194 6.82 1.21 -7.11
CA TYR B 194 7.84 0.18 -6.90
C TYR B 194 7.18 -1.19 -6.84
N ALA B 195 5.92 -1.23 -6.44
CA ALA B 195 5.13 -2.45 -6.53
C ALA B 195 4.89 -2.82 -8.00
N ALA B 196 4.59 -1.82 -8.82
CA ALA B 196 4.40 -2.05 -10.26
C ALA B 196 5.69 -2.54 -10.90
N LEU B 197 6.80 -2.01 -10.42
CA LEU B 197 8.10 -2.37 -10.93
C LEU B 197 8.35 -3.86 -10.74
N LYS B 198 7.89 -4.37 -9.60
CA LYS B 198 8.06 -5.78 -9.26
C LYS B 198 7.20 -6.67 -10.16
N SER B 199 5.96 -6.23 -10.43
CA SER B 199 5.03 -7.02 -11.23
C SER B 199 5.17 -6.77 -12.74
N GLY B 200 6.16 -5.97 -13.13
CA GLY B 200 6.40 -5.72 -14.53
C GLY B 200 5.42 -4.75 -15.18
N ASP B 201 4.62 -4.08 -14.34
CA ASP B 201 3.67 -3.09 -14.83
C ASP B 201 4.35 -1.74 -15.10
N THR B 202 5.59 -1.60 -14.67
CA THR B 202 6.40 -0.46 -15.09
C THR B 202 7.89 -0.82 -15.09
N THR B 203 8.72 0.16 -15.48
CA THR B 203 10.14 -0.06 -15.71
C THR B 203 10.94 1.11 -15.14
N PHE B 204 12.24 0.89 -14.91
CA PHE B 204 13.11 1.97 -14.46
C PHE B 204 13.16 3.11 -15.48
N LYS B 205 13.11 2.75 -16.75
CA LYS B 205 13.10 3.77 -17.80
C LYS B 205 11.93 4.72 -17.60
N GLN B 206 10.77 4.18 -17.23
CA GLN B 206 9.56 4.97 -17.09
CA GLN B 206 9.58 4.99 -17.10
C GLN B 206 9.61 5.87 -15.85
N ILE B 207 10.06 5.33 -14.72
CA ILE B 207 10.01 6.07 -13.45
C ILE B 207 11.26 6.80 -12.99
N TRP B 208 12.46 6.35 -13.39
CA TRP B 208 13.69 6.94 -12.84
C TRP B 208 14.50 7.76 -13.83
N THR B 209 14.06 7.84 -15.07
CA THR B 209 14.80 8.65 -16.05
C THR B 209 14.86 10.12 -15.64
N GLU B 210 13.75 10.67 -15.20
CA GLU B 210 13.73 12.09 -14.85
C GLU B 210 14.54 12.41 -13.58
N PRO B 211 14.40 11.61 -12.50
CA PRO B 211 15.26 11.80 -11.33
C PRO B 211 16.75 11.76 -11.66
N ILE B 212 17.17 10.81 -12.48
CA ILE B 212 18.58 10.75 -12.89
CA ILE B 212 18.57 10.75 -12.89
C ILE B 212 19.10 11.89 -13.75
N GLU B 213 18.29 12.32 -14.71
CA GLU B 213 18.62 13.49 -15.52
C GLU B 213 18.82 14.69 -14.60
N LYS B 214 17.93 14.85 -13.64
CA LYS B 214 18.01 16.00 -12.74
C LYS B 214 19.19 15.89 -11.79
N GLU B 215 19.54 14.68 -11.38
CA GLU B 215 20.69 14.52 -10.50
C GLU B 215 21.97 14.85 -11.26
N ILE B 216 22.05 14.43 -12.52
CA ILE B 216 23.21 14.75 -13.36
C ILE B 216 23.30 16.26 -13.52
N GLU B 217 22.16 16.91 -13.73
CA GLU B 217 22.14 18.37 -13.83
C GLU B 217 22.63 19.04 -12.54
N LEU B 218 22.15 18.56 -11.40
CA LEU B 218 22.58 19.09 -10.10
C LEU B 218 24.11 19.13 -10.03
N PHE B 219 24.75 18.04 -10.41
CA PHE B 219 26.18 17.91 -10.21
C PHE B 219 26.98 18.58 -11.33
N LYS B 220 26.30 19.12 -12.34
CA LYS B 220 26.97 20.02 -13.28
C LYS B 220 27.48 21.24 -12.53
N TYR B 221 26.85 21.53 -11.40
CA TYR B 221 27.18 22.70 -10.58
C TYR B 221 28.09 22.36 -9.42
N ALA B 222 28.68 21.17 -9.47
CA ALA B 222 29.75 20.81 -8.55
C ALA B 222 31.07 21.21 -9.17
N ASP B 223 31.55 22.40 -8.81
CA ASP B 223 32.65 23.05 -9.51
C ASP B 223 34.02 22.77 -8.88
N SER B 224 34.04 21.97 -7.82
CA SER B 224 35.29 21.49 -7.24
C SER B 224 35.44 20.01 -7.59
N GLU B 225 36.58 19.43 -7.22
CA GLU B 225 36.83 18.01 -7.44
C GLU B 225 35.65 17.19 -6.90
N LYS B 226 35.03 16.41 -7.77
CA LYS B 226 33.84 15.65 -7.40
C LYS B 226 34.20 14.38 -6.66
N GLY B 227 35.37 13.82 -6.98
CA GLY B 227 35.75 12.52 -6.47
C GLY B 227 36.43 12.55 -5.11
N VAL B 228 35.84 13.27 -4.17
CA VAL B 228 36.35 13.32 -2.81
C VAL B 228 35.44 12.54 -1.87
N THR B 229 35.93 12.30 -0.66
CA THR B 229 35.21 11.49 0.30
C THR B 229 34.11 12.25 1.02
N TYR B 230 33.18 11.49 1.59
CA TYR B 230 32.18 12.01 2.51
C TYR B 230 32.81 12.97 3.52
N GLN B 231 33.88 12.51 4.17
CA GLN B 231 34.58 13.31 5.17
C GLN B 231 35.21 14.58 4.60
N GLN B 232 35.85 14.45 3.44
CA GLN B 232 36.48 15.61 2.81
C GLN B 232 35.42 16.64 2.44
N GLY B 233 34.28 16.16 1.95
CA GLY B 233 33.21 17.03 1.52
C GLY B 233 32.58 17.82 2.66
N THR B 234 32.32 17.15 3.79
CA THR B 234 31.71 17.85 4.92
C THR B 234 32.71 18.80 5.55
N GLN B 235 34.01 18.45 5.52
CA GLN B 235 35.06 19.36 5.96
C GLN B 235 35.12 20.63 5.11
N ASN B 236 35.11 20.46 3.79
CA ASN B 236 35.07 21.59 2.86
C ASN B 236 33.88 22.50 3.15
N PHE B 237 32.71 21.90 3.29
CA PHE B 237 31.50 22.66 3.52
C PHE B 237 31.54 23.44 4.84
N ALA B 238 32.07 22.81 5.89
CA ALA B 238 32.13 23.43 7.21
C ALA B 238 33.03 24.67 7.17
N LYS B 239 34.05 24.62 6.33
CA LYS B 239 35.03 25.69 6.22
C LYS B 239 34.62 26.74 5.18
N GLY B 240 33.39 26.63 4.68
CA GLY B 240 32.77 27.67 3.89
C GLY B 240 33.05 27.66 2.40
N THR B 241 33.51 26.54 1.85
CA THR B 241 33.96 26.51 0.46
C THR B 241 32.88 26.10 -0.54
N ALA B 242 31.65 25.88 -0.08
CA ALA B 242 30.57 25.48 -0.98
C ALA B 242 29.21 25.90 -0.46
N ALA B 243 28.33 26.30 -1.37
CA ALA B 243 27.02 26.83 -0.98
C ALA B 243 26.11 25.76 -0.41
N ILE B 244 26.06 24.60 -1.05
CA ILE B 244 25.26 23.48 -0.57
C ILE B 244 26.02 22.16 -0.65
N ILE B 245 25.59 21.22 0.18
CA ILE B 245 26.04 19.85 0.07
C ILE B 245 24.76 19.01 0.11
N PRO B 246 24.47 18.28 -0.99
CA PRO B 246 23.14 17.68 -1.18
C PRO B 246 22.98 16.35 -0.45
N LEU B 247 23.19 16.42 0.86
CA LEU B 247 23.04 15.27 1.77
C LEU B 247 21.91 15.53 2.76
N GLY B 248 21.50 14.48 3.45
CA GLY B 248 20.42 14.56 4.42
C GLY B 248 20.87 15.04 5.78
N THR B 249 19.92 15.12 6.70
CA THR B 249 20.15 15.67 8.03
C THR B 249 21.26 14.96 8.81
N TYR B 250 21.44 13.66 8.55
CA TYR B 250 22.44 12.83 9.23
C TYR B 250 23.87 13.37 9.06
N ALA B 251 24.10 14.23 8.08
CA ALA B 251 25.44 14.73 7.79
C ALA B 251 25.76 16.00 8.57
N ILE B 252 24.73 16.61 9.14
CA ILE B 252 24.88 17.90 9.82
C ILE B 252 25.88 17.82 10.99
N PRO B 253 25.79 16.79 11.85
CA PRO B 253 26.78 16.70 12.92
C PRO B 253 28.22 16.53 12.46
N GLN B 254 28.43 15.91 11.30
CA GLN B 254 29.78 15.74 10.76
CA GLN B 254 29.78 15.73 10.77
C GLN B 254 30.36 17.08 10.35
N ILE B 255 29.47 17.99 9.96
CA ILE B 255 29.86 19.35 9.57
C ILE B 255 30.12 20.21 10.80
N THR B 256 29.21 20.19 11.77
CA THR B 256 29.29 21.10 12.90
C THR B 256 30.42 20.75 13.85
N MET B 257 30.88 19.49 13.82
CA MET B 257 31.98 19.09 14.68
C MET B 257 33.30 19.69 14.18
N VAL B 258 33.36 20.00 12.88
CA VAL B 258 34.53 20.62 12.29
C VAL B 258 34.50 22.13 12.48
N ASN B 259 33.30 22.71 12.38
CA ASN B 259 33.11 24.15 12.55
C ASN B 259 31.80 24.43 13.26
N LYS B 260 31.89 24.66 14.57
CA LYS B 260 30.70 24.79 15.41
C LYS B 260 29.93 26.09 15.14
N ASP B 261 30.60 27.06 14.51
CA ASP B 261 30.04 28.39 14.30
C ASP B 261 29.32 28.58 12.96
N ILE B 262 29.34 27.57 12.09
CA ILE B 262 28.74 27.75 10.77
C ILE B 262 27.21 27.87 10.86
N ASP B 263 26.67 28.84 10.14
CA ASP B 263 25.24 29.10 10.14
C ASP B 263 24.58 28.25 9.05
N LEU B 264 23.95 27.16 9.47
CA LEU B 264 23.39 26.17 8.55
C LEU B 264 21.89 26.21 8.40
N GLY B 265 21.45 25.88 7.19
CA GLY B 265 20.05 25.59 6.93
C GLY B 265 19.91 24.22 6.27
N PHE B 266 18.72 23.64 6.39
CA PHE B 266 18.40 22.42 5.68
C PHE B 266 17.09 22.61 4.92
N ALA B 267 17.07 22.20 3.65
CA ALA B 267 15.93 22.46 2.79
C ALA B 267 15.53 21.25 1.96
N GLN B 268 14.25 21.21 1.60
CA GLN B 268 13.75 20.26 0.60
C GLN B 268 14.35 20.60 -0.77
N MET B 269 14.70 19.58 -1.54
CA MET B 269 15.23 19.79 -2.90
C MET B 269 14.09 19.71 -3.91
N PRO B 270 13.68 20.86 -4.48
CA PRO B 270 12.50 20.76 -5.34
C PRO B 270 12.82 20.08 -6.67
N ALA B 271 11.96 19.15 -7.09
CA ALA B 271 12.24 18.32 -8.26
C ALA B 271 11.56 18.80 -9.53
N THR B 272 10.51 19.61 -9.38
CA THR B 272 9.73 20.08 -10.51
C THR B 272 9.35 21.54 -10.30
N ASN B 273 8.64 22.10 -11.26
CA ASN B 273 8.20 23.47 -11.15
C ASN B 273 6.77 23.54 -10.63
N ASP B 274 6.31 22.41 -10.09
CA ASP B 274 5.03 22.33 -9.41
C ASP B 274 5.26 22.49 -7.92
N ALA B 275 5.21 23.73 -7.44
CA ALA B 275 5.52 24.00 -6.04
C ALA B 275 4.55 23.30 -5.08
N SER B 276 3.28 23.23 -5.47
CA SER B 276 2.25 22.71 -4.60
C SER B 276 2.41 21.21 -4.35
N LYS B 277 3.07 20.52 -5.27
CA LYS B 277 3.20 19.06 -5.16
C LYS B 277 4.59 18.59 -4.74
N GLN B 278 5.39 19.50 -4.19
CA GLN B 278 6.70 19.12 -3.64
C GLN B 278 6.54 18.30 -2.36
N ILE B 279 7.39 17.28 -2.23
CA ILE B 279 7.37 16.36 -1.11
C ILE B 279 8.78 16.20 -0.54
N LEU B 280 8.87 15.97 0.76
CA LEU B 280 10.15 15.80 1.45
C LEU B 280 10.43 14.35 1.79
N THR B 281 11.52 13.81 1.24
CA THR B 281 11.90 12.44 1.55
C THR B 281 12.40 12.36 2.99
N ALA B 282 11.86 11.40 3.74
CA ALA B 282 12.14 11.32 5.17
C ALA B 282 11.96 9.88 5.64
N GLY B 283 12.78 9.47 6.60
CA GLY B 283 12.74 8.09 7.07
C GLY B 283 13.13 7.94 8.52
N ASP B 284 13.05 6.71 9.01
CA ASP B 284 13.56 6.36 10.33
C ASP B 284 15.07 6.17 10.21
N ASP B 285 15.81 7.16 10.67
CA ASP B 285 17.27 7.15 10.56
C ASP B 285 17.89 6.09 11.44
N VAL B 286 17.38 5.99 12.66
CA VAL B 286 17.84 5.00 13.62
C VAL B 286 16.65 4.22 14.13
N ILE B 287 16.73 2.90 14.02
CA ILE B 287 15.78 2.02 14.68
C ILE B 287 16.54 1.22 15.74
N LEU B 288 16.00 1.27 16.96
CA LEU B 288 16.57 0.60 18.11
C LEU B 288 15.83 -0.71 18.36
N THR B 289 16.55 -1.82 18.42
CA THR B 289 15.88 -3.10 18.59
C THR B 289 16.69 -4.07 19.46
N MET B 290 16.18 -5.30 19.55
CA MET B 290 16.77 -6.34 20.37
CA MET B 290 16.76 -6.35 20.37
C MET B 290 16.90 -7.63 19.56
N GLY B 291 17.95 -8.39 19.83
CA GLY B 291 18.08 -9.68 19.18
C GLY B 291 16.93 -10.57 19.64
N ALA B 292 16.21 -11.16 18.70
CA ALA B 292 15.06 -12.00 19.02
C ALA B 292 15.46 -13.19 19.88
N ASN B 293 16.63 -13.76 19.58
CA ASN B 293 17.12 -14.94 20.28
C ASN B 293 18.11 -14.59 21.40
N SER B 294 18.09 -13.32 21.82
CA SER B 294 18.94 -12.84 22.91
C SER B 294 18.69 -13.58 24.23
N ARG B 295 19.75 -13.76 25.02
CA ARG B 295 19.69 -14.44 26.32
C ARG B 295 19.36 -13.50 27.49
N HIS B 296 19.49 -12.20 27.28
CA HIS B 296 19.32 -11.22 28.35
C HIS B 296 18.29 -10.16 27.99
N LYS B 297 17.09 -10.58 27.62
CA LYS B 297 16.07 -9.62 27.18
C LYS B 297 15.69 -8.64 28.28
N GLU B 298 15.70 -9.07 29.53
CA GLU B 298 15.30 -8.20 30.63
C GLU B 298 16.26 -7.03 30.79
N GLN B 299 17.56 -7.31 30.78
CA GLN B 299 18.56 -6.27 30.90
C GLN B 299 18.62 -5.39 29.64
N SER B 300 18.46 -6.03 28.49
CA SER B 300 18.49 -5.31 27.22
C SER B 300 17.35 -4.30 27.15
N MET B 301 16.16 -4.73 27.55
CA MET B 301 15.02 -3.84 27.54
C MET B 301 15.22 -2.70 28.53
N ARG B 302 15.96 -2.94 29.61
CA ARG B 302 16.24 -1.88 30.58
C ARG B 302 17.08 -0.78 29.93
N PHE B 303 18.06 -1.18 29.13
CA PHE B 303 18.91 -0.22 28.42
C PHE B 303 18.11 0.50 27.32
N ILE B 304 17.21 -0.22 26.67
CA ILE B 304 16.39 0.36 25.62
C ILE B 304 15.41 1.38 26.17
N ARG B 305 14.83 1.11 27.33
N ARG B 305 14.83 1.11 27.33
CA ARG B 305 13.93 2.08 27.95
CA ARG B 305 13.93 2.07 27.95
C ARG B 305 14.71 3.31 28.39
C ARG B 305 14.71 3.31 28.39
N PHE B 306 15.96 3.13 28.78
CA PHE B 306 16.83 4.26 29.11
C PHE B 306 17.07 5.14 27.90
N LEU B 307 17.41 4.52 26.78
CA LEU B 307 17.64 5.23 25.52
C LEU B 307 16.37 5.89 24.95
N MET B 308 15.20 5.30 25.23
CA MET B 308 13.95 5.80 24.65
C MET B 308 13.24 6.85 25.52
N SER B 309 13.88 7.25 26.61
CA SER B 309 13.32 8.29 27.46
C SER B 309 13.39 9.63 26.73
N LYS B 310 12.45 10.52 27.03
CA LYS B 310 12.36 11.80 26.33
C LYS B 310 13.65 12.61 26.48
N LYS B 311 14.26 12.55 27.66
CA LYS B 311 15.50 13.28 27.90
C LYS B 311 16.64 12.78 27.01
N GLN B 312 16.79 11.48 26.89
CA GLN B 312 17.83 10.93 26.04
C GLN B 312 17.54 11.17 24.55
N LEU B 313 16.27 11.02 24.16
CA LEU B 313 15.90 11.22 22.75
C LEU B 313 16.22 12.64 22.27
N GLU B 314 15.94 13.63 23.12
CA GLU B 314 16.14 15.02 22.75
C GLU B 314 17.59 15.42 22.87
N ASN B 315 18.32 14.76 23.76
CA ASN B 315 19.75 14.94 23.87
C ASN B 315 20.42 14.44 22.59
N TYR B 316 20.02 13.25 22.15
CA TYR B 316 20.53 12.68 20.90
C TYR B 316 20.21 13.61 19.74
N ALA B 317 18.94 14.02 19.66
CA ALA B 317 18.49 14.87 18.57
C ALA B 317 19.30 16.16 18.50
N ASP B 318 19.60 16.76 19.65
CA ASP B 318 20.41 17.97 19.69
C ASP B 318 21.81 17.71 19.16
N ALA B 319 22.40 16.63 19.65
CA ALA B 319 23.75 16.24 19.27
C ALA B 319 23.87 15.92 17.77
N GLN B 320 22.81 15.32 17.20
CA GLN B 320 22.88 14.80 15.83
C GLN B 320 21.95 15.51 14.85
N SER B 321 21.35 16.62 15.29
CA SER B 321 20.44 17.41 14.46
C SER B 321 19.37 16.52 13.84
N ALA B 322 18.78 15.67 14.67
CA ALA B 322 17.78 14.72 14.22
C ALA B 322 16.38 15.17 14.63
N ILE B 323 15.40 14.36 14.26
CA ILE B 323 14.00 14.57 14.61
C ILE B 323 13.60 13.47 15.59
N THR B 324 13.05 13.83 16.74
CA THR B 324 12.70 12.80 17.72
C THR B 324 11.48 12.02 17.24
N PRO B 325 11.30 10.79 17.75
CA PRO B 325 10.22 9.90 17.37
C PRO B 325 8.97 10.04 18.23
N LEU B 326 8.96 11.01 19.14
CA LEU B 326 7.84 11.16 20.06
C LEU B 326 6.70 11.88 19.34
N LYS B 327 5.46 11.63 19.78
CA LYS B 327 4.32 12.32 19.19
C LYS B 327 4.54 13.83 19.30
N GLU B 328 5.18 14.23 20.40
CA GLU B 328 5.56 15.61 20.62
C GLU B 328 6.90 15.89 19.91
N THR B 329 6.85 16.02 18.59
CA THR B 329 8.07 16.07 17.79
C THR B 329 9.02 17.20 18.21
N TYR B 330 10.30 16.87 18.30
CA TYR B 330 11.34 17.83 18.63
C TYR B 330 12.40 17.84 17.53
N PHE B 331 12.72 19.03 17.03
CA PHE B 331 13.76 19.19 16.03
C PHE B 331 15.08 19.60 16.69
N GLY B 332 16.13 18.84 16.42
CA GLY B 332 17.38 19.00 17.15
C GLY B 332 18.23 20.20 16.75
N ASN B 333 17.88 20.84 15.65
CA ASN B 333 18.64 21.98 15.15
C ASN B 333 17.71 22.97 14.47
N LYS B 334 17.88 24.26 14.74
CA LYS B 334 17.05 25.28 14.10
C LYS B 334 17.33 25.31 12.59
N ALA B 335 18.41 24.66 12.18
CA ALA B 335 18.70 24.47 10.76
C ALA B 335 17.55 23.76 10.04
N LEU B 336 16.72 23.03 10.79
CA LEU B 336 15.65 22.23 10.20
C LEU B 336 14.33 22.99 10.00
N GLU B 337 14.25 24.23 10.45
CA GLU B 337 12.99 24.99 10.37
C GLU B 337 12.40 25.11 8.95
N PRO B 338 13.26 25.19 7.92
CA PRO B 338 12.70 25.31 6.56
C PRO B 338 11.94 24.07 6.07
N VAL B 339 12.09 22.92 6.71
CA VAL B 339 11.33 21.72 6.29
C VAL B 339 10.23 21.38 7.30
N ARG B 340 10.07 22.20 8.34
CA ARG B 340 9.01 21.96 9.31
C ARG B 340 7.63 21.93 8.64
N PRO B 341 7.37 22.82 7.68
CA PRO B 341 6.10 22.75 6.96
C PRO B 341 5.79 21.37 6.36
N PHE B 342 6.80 20.73 5.75
CA PHE B 342 6.61 19.41 5.15
C PHE B 342 6.22 18.36 6.19
N PHE B 343 6.96 18.33 7.30
CA PHE B 343 6.69 17.33 8.35
C PHE B 343 5.31 17.51 8.96
N GLU B 344 4.96 18.74 9.31
CA GLU B 344 3.72 19.01 10.01
C GLU B 344 2.49 18.79 9.11
N SER B 345 2.67 18.88 7.80
CA SER B 345 1.57 18.70 6.85
C SER B 345 1.59 17.30 6.23
N ASN B 346 2.51 16.46 6.70
CA ASN B 346 2.69 15.10 6.19
C ASN B 346 2.97 15.08 4.69
N ARG B 347 3.62 16.12 4.19
CA ARG B 347 4.10 16.13 2.81
C ARG B 347 5.44 15.43 2.73
N VAL B 348 5.44 14.14 3.02
CA VAL B 348 6.67 13.35 3.07
C VAL B 348 6.60 12.09 2.21
N ALA B 349 7.74 11.45 2.01
CA ALA B 349 7.82 10.26 1.18
C ALA B 349 8.96 9.36 1.66
N ASP B 350 8.84 8.07 1.36
CA ASP B 350 9.89 7.12 1.67
C ASP B 350 11.12 7.33 0.80
N PHE B 351 12.27 6.91 1.30
CA PHE B 351 13.45 6.77 0.45
C PHE B 351 13.21 5.75 -0.64
N CYS B 352 13.47 6.11 -1.88
CA CYS B 352 13.25 5.19 -2.98
C CYS B 352 14.13 3.94 -2.86
N ASP B 353 15.32 4.05 -2.27
CA ASP B 353 16.18 2.87 -2.23
C ASP B 353 15.70 1.87 -1.14
N HIS B 354 14.69 2.24 -0.36
CA HIS B 354 14.08 1.28 0.57
C HIS B 354 13.25 0.21 -0.15
N TYR B 355 13.11 0.37 -1.46
CA TYR B 355 12.40 -0.61 -2.31
C TYR B 355 13.37 -1.37 -3.21
N ILE B 356 14.66 -1.09 -3.06
CA ILE B 356 15.68 -1.73 -3.88
C ILE B 356 16.48 -2.74 -3.06
N PRO B 357 16.51 -4.01 -3.52
CA PRO B 357 17.33 -5.03 -2.86
C PRO B 357 18.77 -4.59 -2.61
N SER B 358 19.25 -4.91 -1.42
CA SER B 358 20.58 -4.51 -0.95
C SER B 358 21.71 -4.92 -1.89
N SER B 359 21.51 -6.01 -2.64
CA SER B 359 22.54 -6.54 -3.52
C SER B 359 22.76 -5.66 -4.75
N ILE B 360 21.86 -4.72 -4.99
CA ILE B 360 21.97 -3.80 -6.11
C ILE B 360 22.69 -2.52 -5.66
N ASN B 361 23.90 -2.30 -6.15
CA ASN B 361 24.70 -1.14 -5.74
C ASN B 361 24.34 0.08 -6.57
N ILE B 362 23.30 0.77 -6.13
CA ILE B 362 22.80 1.95 -6.83
C ILE B 362 23.90 3.00 -6.96
N GLY B 363 24.58 3.27 -5.85
CA GLY B 363 25.61 4.29 -5.80
C GLY B 363 26.71 4.05 -6.81
N GLY B 364 27.08 2.79 -6.99
CA GLY B 364 28.11 2.40 -7.94
C GLY B 364 27.76 2.73 -9.37
N TYR B 365 26.50 2.53 -9.74
CA TYR B 365 26.04 2.87 -11.08
C TYR B 365 25.93 4.39 -11.20
N LEU B 366 25.34 5.00 -10.18
CA LEU B 366 25.04 6.43 -10.20
C LEU B 366 26.28 7.32 -10.31
N GLN B 367 27.36 6.96 -9.62
CA GLN B 367 28.54 7.82 -9.64
C GLN B 367 29.14 7.83 -11.05
N SER B 368 29.03 6.72 -11.76
CA SER B 368 29.50 6.65 -13.13
CA SER B 368 29.51 6.65 -13.14
C SER B 368 28.65 7.57 -14.02
N ALA B 369 27.33 7.51 -13.82
CA ALA B 369 26.39 8.30 -14.60
C ALA B 369 26.56 9.80 -14.37
N ILE B 370 26.83 10.18 -13.12
CA ILE B 370 27.09 11.57 -12.77
C ILE B 370 28.33 12.10 -13.50
N MET B 371 29.38 11.29 -13.54
CA MET B 371 30.60 11.70 -14.23
C MET B 371 30.44 11.75 -15.76
N SER B 372 29.77 10.75 -16.32
CA SER B 372 29.69 10.57 -17.78
C SER B 372 28.50 11.23 -18.44
N GLY B 373 27.41 11.37 -17.69
CA GLY B 373 26.17 11.93 -18.20
C GLY B 373 25.29 10.88 -18.86
N ASN B 374 25.69 9.60 -18.76
CA ASN B 374 24.97 8.54 -19.47
C ASN B 374 23.79 8.00 -18.64
N VAL B 375 22.61 8.53 -18.93
CA VAL B 375 21.38 8.13 -18.27
C VAL B 375 20.98 6.71 -18.65
N ASN B 376 20.98 6.42 -19.94
CA ASN B 376 20.54 5.13 -20.46
C ASN B 376 21.28 3.96 -19.82
N GLN B 377 22.60 4.10 -19.69
CA GLN B 377 23.42 3.05 -19.13
C GLN B 377 23.03 2.78 -17.69
N PHE B 378 22.80 3.85 -16.93
CA PHE B 378 22.38 3.70 -15.54
C PHE B 378 21.04 2.96 -15.43
N ILE B 379 20.06 3.42 -16.21
CA ILE B 379 18.72 2.83 -16.20
C ILE B 379 18.75 1.35 -16.55
N ASP B 380 19.50 1.00 -17.59
CA ASP B 380 19.58 -0.39 -18.03
C ASP B 380 20.35 -1.26 -17.04
N SER B 381 21.36 -0.71 -16.37
CA SER B 381 22.06 -1.46 -15.32
C SER B 381 21.10 -1.79 -14.19
N MET B 382 20.31 -0.79 -13.77
CA MET B 382 19.31 -1.00 -12.72
C MET B 382 18.31 -2.07 -13.13
N GLN B 383 17.80 -2.00 -14.34
CA GLN B 383 16.80 -2.95 -14.80
C GLN B 383 17.41 -4.34 -14.92
N ASN B 384 18.66 -4.39 -15.37
CA ASN B 384 19.41 -5.64 -15.52
C ASN B 384 19.56 -6.37 -14.18
N GLU B 385 20.05 -5.65 -13.17
CA GLU B 385 20.17 -6.19 -11.82
C GLU B 385 18.83 -6.59 -11.23
N TRP B 386 17.85 -5.69 -11.35
CA TRP B 386 16.51 -5.92 -10.81
C TRP B 386 15.88 -7.19 -11.37
N ASN B 387 15.91 -7.33 -12.69
CA ASN B 387 15.31 -8.49 -13.34
C ASN B 387 15.93 -9.78 -12.84
N LYS B 388 17.24 -9.76 -12.59
CA LYS B 388 17.95 -10.94 -12.13
C LYS B 388 17.54 -11.29 -10.70
N VAL B 389 17.49 -10.29 -9.83
CA VAL B 389 17.06 -10.49 -8.44
C VAL B 389 15.63 -11.02 -8.38
N GLN B 390 14.74 -10.43 -9.18
CA GLN B 390 13.33 -10.80 -9.14
C GLN B 390 13.06 -12.18 -9.74
N ALA B 391 13.95 -12.65 -10.61
CA ALA B 391 13.84 -13.98 -11.18
C ALA B 391 14.40 -15.01 -10.21
#